data_1KTW
#
_entry.id   1KTW
#
_cell.length_a   54.730
_cell.length_b   122.310
_cell.length_c   91.941
_cell.angle_alpha   90.00
_cell.angle_beta   90.99
_cell.angle_gamma   90.00
#
_symmetry.space_group_name_H-M   'P 1 21 1'
#
loop_
_entity.id
_entity.type
_entity.pdbx_description
1 polymer IOTA-CARRAGEENASE
2 branched 3,6-anhydro-2-O-sulfo-alpha-D-galactopyranose-(1-3)-4-O-sulfo-beta-D-galactopyranose
3 branched 3,6-anhydro-2-O-sulfo-alpha-D-galactopyranose-(1-3)-4-O-sulfo-beta-D-galactopyranose-(1-4)-3,6-anhydro-2-O-sulfo-alpha-D-galactopyranose-(1-3)-4-O-sulfo-beta-D-galactopyranose
4 non-polymer 'CALCIUM ION'
5 non-polymer 'SODIUM ION'
6 non-polymer 'CHLORIDE ION'
7 water water
#
_entity_poly.entity_id   1
_entity_poly.type   'polypeptide(L)'
_entity_poly.pdbx_seq_one_letter_code
;VSPKTYKDADFYVAPTQQDVNYDLVDDFGANGNDTSDDSNALQRAINAISRKPNGGTLLIPNGTYHFLGIQMKSNVHIRV
ESDVIIKPTWNGDGKNHRLFEVGVNNIVRNFSFQGLGNGFLVDFKDSRDKNLAVFKLGDVRNYKISNFTIDDNKTIFASI
LVDVTERNGRLHWSRNGIIERIKQNNALFGYGLIQTYGADNILFRNLHSEGGIALRMETDNLLMKNYKQGGIRNIFADNI
RCSKGLAAVMFGPHFMKNGDVQVTNVSSVSCGSAVRSDSGFVELFSPTDEVHTRQSWKQAVESKLGRGCAQTPYARGNGG
TRWAARVTQKDACLDKAKLEYGIEPGSFGTVKVFDVTARFGYNADLKQDQLDYFSTSNPMCKRVCLPTKEQWSKQGQIYI
GPSLAAVIDTTPETSKYDYDVKTFNVKRINFPVNSHKTIDTNTESSRVCNYYGMSECSSSRWER
;
_entity_poly.pdbx_strand_id   A,B
#
# COMPACT_ATOMS: atom_id res chain seq x y z
N VAL A 1 -8.80 15.49 -33.54
CA VAL A 1 -7.95 14.46 -32.89
C VAL A 1 -7.93 13.18 -33.71
N SER A 2 -6.84 12.43 -33.61
CA SER A 2 -6.71 11.16 -34.33
C SER A 2 -6.21 10.13 -33.32
N PRO A 3 -6.44 8.83 -33.59
CA PRO A 3 -5.96 7.84 -32.63
C PRO A 3 -4.47 7.58 -32.76
N LYS A 4 -3.86 7.11 -31.68
CA LYS A 4 -2.44 6.79 -31.66
C LYS A 4 -2.25 5.42 -32.32
N THR A 5 -1.15 5.24 -33.03
CA THR A 5 -0.91 3.95 -33.69
C THR A 5 -0.01 3.10 -32.80
N TYR A 6 0.05 1.81 -33.07
CA TYR A 6 0.87 0.88 -32.28
C TYR A 6 1.23 -0.30 -33.14
N LYS A 7 2.13 -1.15 -32.66
CA LYS A 7 2.55 -2.37 -33.35
C LYS A 7 2.39 -3.55 -32.38
N ASP A 8 2.25 -4.77 -32.89
CA ASP A 8 2.07 -5.93 -32.02
C ASP A 8 3.20 -6.06 -30.98
N ALA A 9 4.44 -5.78 -31.37
CA ALA A 9 5.59 -5.90 -30.47
C ALA A 9 5.58 -4.95 -29.26
N ASP A 10 4.68 -3.97 -29.28
CA ASP A 10 4.60 -3.05 -28.14
C ASP A 10 3.93 -3.78 -26.98
N PHE A 11 3.28 -4.91 -27.27
CA PHE A 11 2.55 -5.68 -26.27
C PHE A 11 3.10 -7.08 -25.99
N TYR A 12 3.38 -7.83 -27.05
CA TYR A 12 3.83 -9.21 -26.94
C TYR A 12 5.06 -9.50 -27.81
N VAL A 13 6.03 -10.22 -27.25
CA VAL A 13 7.26 -10.58 -27.98
C VAL A 13 7.37 -12.11 -27.96
N ALA A 14 7.22 -12.72 -29.13
CA ALA A 14 7.29 -14.18 -29.27
C ALA A 14 8.71 -14.71 -29.02
N PRO A 15 8.83 -16.01 -28.67
CA PRO A 15 10.15 -16.61 -28.43
C PRO A 15 10.95 -16.77 -29.73
N THR A 16 12.27 -16.57 -29.67
CA THR A 16 13.10 -16.72 -30.87
C THR A 16 13.83 -18.06 -30.95
N GLN A 17 13.70 -18.88 -29.92
CA GLN A 17 14.31 -20.21 -29.89
C GLN A 17 13.52 -21.07 -28.90
N GLN A 18 13.40 -22.37 -29.18
CA GLN A 18 12.66 -23.28 -28.30
C GLN A 18 13.41 -24.61 -28.16
N ASP A 19 13.14 -25.36 -27.10
CA ASP A 19 13.81 -26.65 -26.88
C ASP A 19 13.04 -27.86 -27.43
N VAL A 20 11.71 -27.86 -27.37
CA VAL A 20 10.92 -29.00 -27.86
C VAL A 20 9.60 -28.65 -28.61
N ASN A 21 9.04 -29.63 -29.31
CA ASN A 21 7.75 -29.54 -30.01
C ASN A 21 7.03 -30.89 -29.74
N TYR A 22 5.99 -30.88 -28.90
CA TYR A 22 5.22 -32.10 -28.54
C TYR A 22 3.77 -32.13 -29.08
N ASP A 23 3.16 -33.32 -29.17
CA ASP A 23 1.75 -33.51 -29.63
C ASP A 23 0.99 -34.12 -28.45
N LEU A 24 -0.13 -33.51 -28.08
CA LEU A 24 -0.93 -33.96 -26.93
C LEU A 24 -1.36 -35.42 -27.01
N VAL A 25 -1.78 -35.86 -28.20
CA VAL A 25 -2.22 -37.24 -28.39
C VAL A 25 -1.04 -38.20 -28.58
N ASP A 26 -0.16 -37.90 -29.53
CA ASP A 26 0.98 -38.78 -29.81
C ASP A 26 2.02 -38.92 -28.69
N ASP A 27 2.36 -37.83 -28.01
CA ASP A 27 3.36 -37.92 -26.95
C ASP A 27 2.81 -38.10 -25.53
N PHE A 28 1.62 -37.59 -25.25
CA PHE A 28 1.07 -37.71 -23.91
C PHE A 28 -0.21 -38.56 -23.74
N GLY A 29 -0.65 -39.22 -24.81
CA GLY A 29 -1.79 -40.11 -24.72
C GLY A 29 -3.22 -39.62 -24.54
N ALA A 30 -3.50 -38.35 -24.86
CA ALA A 30 -4.87 -37.87 -24.73
C ALA A 30 -5.72 -38.59 -25.81
N ASN A 31 -7.03 -38.64 -25.64
CA ASN A 31 -7.91 -39.30 -26.62
C ASN A 31 -8.98 -38.33 -27.11
N GLY A 32 -8.92 -37.92 -28.38
CA GLY A 32 -9.88 -36.98 -28.93
C GLY A 32 -11.07 -37.62 -29.62
N ASN A 33 -11.26 -38.92 -29.40
CA ASN A 33 -12.36 -39.65 -30.01
C ASN A 33 -13.36 -40.20 -29.00
N ASP A 34 -13.23 -39.81 -27.73
CA ASP A 34 -14.14 -40.30 -26.70
C ASP A 34 -14.77 -39.16 -25.91
N THR A 35 -15.47 -39.50 -24.83
CA THR A 35 -16.11 -38.47 -24.01
C THR A 35 -15.45 -38.32 -22.63
N SER A 36 -14.25 -38.87 -22.48
CA SER A 36 -13.53 -38.84 -21.19
C SER A 36 -12.52 -37.70 -20.99
N ASP A 37 -12.23 -37.42 -19.72
CA ASP A 37 -11.31 -36.35 -19.29
C ASP A 37 -9.87 -36.49 -19.83
N ASP A 38 -9.33 -35.38 -20.31
CA ASP A 38 -7.97 -35.32 -20.87
C ASP A 38 -7.06 -34.36 -20.07
N SER A 39 -7.52 -33.92 -18.90
CA SER A 39 -6.76 -32.98 -18.07
C SER A 39 -5.38 -33.46 -17.62
N ASN A 40 -5.23 -34.74 -17.25
CA ASN A 40 -3.90 -35.21 -16.83
C ASN A 40 -2.88 -35.13 -17.94
N ALA A 41 -3.27 -35.55 -19.14
CA ALA A 41 -2.36 -35.52 -20.28
C ALA A 41 -1.91 -34.08 -20.60
N LEU A 42 -2.83 -33.13 -20.57
CA LEU A 42 -2.48 -31.74 -20.86
C LEU A 42 -1.60 -31.15 -19.75
N GLN A 43 -1.91 -31.43 -18.49
CA GLN A 43 -1.10 -30.87 -17.41
C GLN A 43 0.34 -31.42 -17.41
N ARG A 44 0.52 -32.70 -17.73
CA ARG A 44 1.87 -33.28 -17.78
C ARG A 44 2.64 -32.68 -18.97
N ALA A 45 1.93 -32.47 -20.08
CA ALA A 45 2.55 -31.88 -21.27
C ALA A 45 3.09 -30.49 -20.93
N ILE A 46 2.26 -29.68 -20.27
CA ILE A 46 2.64 -28.32 -19.88
C ILE A 46 3.84 -28.32 -18.93
N ASN A 47 3.79 -29.17 -17.90
CA ASN A 47 4.90 -29.26 -16.95
C ASN A 47 6.22 -29.72 -17.56
N ALA A 48 6.16 -30.72 -18.44
CA ALA A 48 7.36 -31.24 -19.07
C ALA A 48 8.02 -30.15 -19.94
N ILE A 49 7.19 -29.39 -20.63
CA ILE A 49 7.71 -28.32 -21.48
C ILE A 49 8.35 -27.18 -20.65
N SER A 50 7.66 -26.75 -19.59
CA SER A 50 8.18 -25.65 -18.76
C SER A 50 9.50 -25.99 -18.04
N ARG A 51 9.78 -27.27 -17.88
CA ARG A 51 11.02 -27.69 -17.23
C ARG A 51 12.26 -27.59 -18.12
N LYS A 52 12.04 -27.33 -19.42
CA LYS A 52 13.17 -27.16 -20.33
C LYS A 52 13.59 -25.69 -20.24
N PRO A 53 14.91 -25.41 -20.25
CA PRO A 53 15.41 -24.04 -20.17
C PRO A 53 14.72 -23.07 -21.14
N ASN A 54 14.56 -23.45 -22.41
CA ASN A 54 13.94 -22.58 -23.41
C ASN A 54 12.49 -22.97 -23.81
N GLY A 55 11.82 -23.76 -22.97
CA GLY A 55 10.44 -24.14 -23.24
C GLY A 55 10.10 -24.81 -24.58
N GLY A 56 8.90 -24.54 -25.09
CA GLY A 56 8.51 -25.20 -26.33
C GLY A 56 7.06 -25.06 -26.75
N THR A 57 6.68 -25.77 -27.80
CA THR A 57 5.32 -25.74 -28.36
C THR A 57 4.57 -27.06 -28.18
N LEU A 58 3.26 -26.97 -27.96
CA LEU A 58 2.41 -28.16 -27.80
C LEU A 58 1.25 -28.08 -28.80
N LEU A 59 1.09 -29.10 -29.66
CA LEU A 59 -0.03 -29.10 -30.62
C LEU A 59 -1.21 -29.93 -30.11
N ILE A 60 -2.41 -29.37 -30.18
CA ILE A 60 -3.63 -30.11 -29.80
C ILE A 60 -4.28 -30.40 -31.16
N PRO A 61 -4.19 -31.66 -31.64
CA PRO A 61 -4.74 -32.05 -32.94
C PRO A 61 -6.27 -32.23 -33.06
N ASN A 62 -6.79 -32.24 -34.29
CA ASN A 62 -8.24 -32.36 -34.47
C ASN A 62 -8.87 -33.49 -33.65
N GLY A 63 -10.00 -33.17 -33.01
CA GLY A 63 -10.72 -34.12 -32.18
C GLY A 63 -11.53 -33.36 -31.14
N THR A 64 -12.18 -34.09 -30.23
CA THR A 64 -12.99 -33.48 -29.15
C THR A 64 -12.32 -33.81 -27.80
N TYR A 65 -12.03 -32.79 -26.99
CA TYR A 65 -11.37 -32.98 -25.69
C TYR A 65 -12.15 -32.38 -24.52
N HIS A 66 -11.93 -32.94 -23.32
CA HIS A 66 -12.56 -32.47 -22.08
C HIS A 66 -11.46 -32.01 -21.07
N PHE A 67 -11.53 -30.75 -20.61
CA PHE A 67 -10.55 -30.21 -19.65
C PHE A 67 -11.21 -29.38 -18.53
N LEU A 68 -10.50 -29.25 -17.42
CA LEU A 68 -10.93 -28.42 -16.28
C LEU A 68 -9.77 -28.20 -15.29
N GLY A 69 -9.67 -26.97 -14.75
CA GLY A 69 -8.65 -26.62 -13.77
C GLY A 69 -7.19 -26.72 -14.17
N ILE A 70 -6.90 -26.52 -15.46
CA ILE A 70 -5.52 -26.63 -15.93
C ILE A 70 -4.65 -25.45 -15.47
N GLN A 71 -3.45 -25.73 -14.98
CA GLN A 71 -2.51 -24.68 -14.53
C GLN A 71 -1.44 -24.43 -15.59
N MET A 72 -1.48 -23.26 -16.24
CA MET A 72 -0.48 -22.95 -17.27
C MET A 72 0.86 -22.59 -16.63
N LYS A 73 1.95 -22.71 -17.39
CA LYS A 73 3.31 -22.45 -16.89
C LYS A 73 4.18 -21.65 -17.86
N SER A 74 5.29 -21.09 -17.36
CA SER A 74 6.20 -20.28 -18.15
C SER A 74 6.83 -20.97 -19.36
N ASN A 75 6.98 -20.20 -20.44
CA ASN A 75 7.59 -20.65 -21.67
C ASN A 75 6.87 -21.81 -22.39
N VAL A 76 5.54 -21.87 -22.25
CA VAL A 76 4.71 -22.89 -22.91
C VAL A 76 3.84 -22.21 -24.00
N HIS A 77 3.89 -22.74 -25.22
CA HIS A 77 3.14 -22.18 -26.36
C HIS A 77 2.22 -23.23 -27.04
N ILE A 78 0.92 -23.10 -26.81
CA ILE A 78 -0.08 -24.04 -27.32
C ILE A 78 -0.75 -23.63 -28.65
N ARG A 79 -0.81 -24.57 -29.60
CA ARG A 79 -1.44 -24.34 -30.90
C ARG A 79 -2.56 -25.38 -31.07
N VAL A 80 -3.71 -24.97 -31.63
CA VAL A 80 -4.91 -25.82 -31.76
C VAL A 80 -5.43 -25.93 -33.20
N GLU A 81 -5.59 -27.15 -33.71
CA GLU A 81 -6.06 -27.34 -35.10
C GLU A 81 -7.51 -26.85 -35.31
N SER A 82 -7.80 -26.50 -36.56
CA SER A 82 -9.09 -25.90 -36.95
C SER A 82 -10.42 -26.63 -36.74
N ASP A 83 -10.40 -27.94 -36.57
CA ASP A 83 -11.65 -28.68 -36.35
C ASP A 83 -11.76 -29.22 -34.93
N VAL A 84 -10.98 -28.67 -34.01
CA VAL A 84 -10.98 -29.10 -32.63
C VAL A 84 -12.22 -28.56 -31.89
N ILE A 85 -12.72 -29.37 -30.96
CA ILE A 85 -13.85 -28.99 -30.12
C ILE A 85 -13.37 -29.24 -28.67
N ILE A 86 -13.46 -28.21 -27.83
CA ILE A 86 -13.03 -28.33 -26.43
C ILE A 86 -14.25 -28.12 -25.53
N LYS A 87 -14.45 -29.05 -24.59
CA LYS A 87 -15.58 -28.99 -23.66
C LYS A 87 -15.08 -29.12 -22.22
N PRO A 88 -15.84 -28.57 -21.25
CA PRO A 88 -15.45 -28.65 -19.84
C PRO A 88 -15.73 -30.04 -19.23
N THR A 89 -14.81 -30.55 -18.42
CA THR A 89 -14.97 -31.83 -17.74
C THR A 89 -15.93 -31.60 -16.56
N TRP A 90 -16.89 -32.49 -16.37
CA TRP A 90 -17.84 -32.32 -15.27
C TRP A 90 -17.20 -32.42 -13.89
N ASN A 91 -17.54 -31.46 -13.03
CA ASN A 91 -17.08 -31.45 -11.64
C ASN A 91 -18.28 -30.93 -10.83
N GLY A 92 -18.85 -31.79 -10.01
CA GLY A 92 -20.02 -31.40 -9.23
C GLY A 92 -19.85 -30.89 -7.80
N ASP A 93 -18.71 -30.29 -7.48
CA ASP A 93 -18.50 -29.79 -6.13
C ASP A 93 -19.14 -28.40 -5.92
N GLY A 94 -19.96 -27.98 -6.88
CA GLY A 94 -20.63 -26.69 -6.80
C GLY A 94 -19.80 -25.42 -6.77
N LYS A 95 -18.48 -25.52 -6.89
CA LYS A 95 -17.63 -24.33 -6.86
C LYS A 95 -17.49 -23.64 -8.22
N ASN A 96 -16.82 -22.48 -8.23
CA ASN A 96 -16.59 -21.74 -9.47
C ASN A 96 -15.45 -22.41 -10.23
N HIS A 97 -15.70 -22.77 -11.48
CA HIS A 97 -14.69 -23.46 -12.29
C HIS A 97 -14.19 -22.73 -13.54
N ARG A 98 -12.99 -23.08 -13.97
CA ARG A 98 -12.40 -22.50 -15.18
C ARG A 98 -11.72 -23.64 -15.95
N LEU A 99 -11.71 -23.54 -17.29
CA LEU A 99 -11.02 -24.55 -18.07
C LEU A 99 -9.52 -24.34 -17.86
N PHE A 100 -9.07 -23.08 -17.92
CA PHE A 100 -7.64 -22.74 -17.79
C PHE A 100 -7.34 -21.56 -16.84
N GLU A 101 -6.27 -21.70 -16.03
CA GLU A 101 -5.82 -20.65 -15.10
C GLU A 101 -4.35 -20.30 -15.45
N VAL A 102 -4.05 -19.01 -15.53
CA VAL A 102 -2.72 -18.55 -15.91
C VAL A 102 -2.15 -17.55 -14.89
N GLY A 103 -1.27 -18.02 -14.01
CA GLY A 103 -0.68 -17.14 -13.01
C GLY A 103 -1.55 -16.91 -11.77
N VAL A 104 -2.54 -17.76 -11.54
CA VAL A 104 -3.41 -17.60 -10.36
C VAL A 104 -2.72 -18.14 -9.11
N ASN A 105 -2.04 -19.27 -9.25
CA ASN A 105 -1.36 -19.89 -8.11
C ASN A 105 0.16 -19.91 -8.20
N ASN A 106 0.71 -19.18 -9.16
CA ASN A 106 2.16 -19.11 -9.34
C ASN A 106 2.51 -17.98 -10.31
N ILE A 107 3.77 -17.90 -10.71
CA ILE A 107 4.21 -16.85 -11.61
C ILE A 107 4.45 -17.42 -13.01
N VAL A 108 3.87 -16.77 -14.03
CA VAL A 108 3.99 -17.19 -15.42
C VAL A 108 4.57 -16.07 -16.30
N ARG A 109 5.57 -16.41 -17.10
CA ARG A 109 6.18 -15.45 -18.04
C ARG A 109 6.34 -16.12 -19.42
N ASN A 110 6.06 -15.37 -20.49
CA ASN A 110 6.18 -15.84 -21.87
C ASN A 110 5.25 -17.05 -22.17
N PHE A 111 3.98 -16.74 -22.47
CA PHE A 111 2.97 -17.78 -22.72
C PHE A 111 1.99 -17.46 -23.87
N SER A 112 1.53 -18.47 -24.62
CA SER A 112 0.54 -18.23 -25.68
C SER A 112 -0.40 -19.44 -25.93
N PHE A 113 -1.63 -19.16 -26.39
CA PHE A 113 -2.65 -20.18 -26.68
C PHE A 113 -3.40 -19.65 -27.94
N GLN A 114 -3.17 -20.28 -29.09
CA GLN A 114 -3.74 -19.81 -30.35
C GLN A 114 -4.30 -20.85 -31.32
N GLY A 115 -5.45 -20.53 -31.91
CA GLY A 115 -6.06 -21.44 -32.86
C GLY A 115 -5.51 -21.23 -34.26
N LEU A 116 -5.38 -22.32 -35.00
CA LEU A 116 -4.89 -22.24 -36.38
C LEU A 116 -6.07 -22.04 -37.36
N GLY A 117 -5.77 -21.52 -38.55
CA GLY A 117 -6.80 -21.36 -39.57
C GLY A 117 -7.98 -20.49 -39.18
N ASN A 118 -9.19 -20.98 -39.42
CA ASN A 118 -10.38 -20.21 -39.08
C ASN A 118 -10.86 -20.35 -37.64
N GLY A 119 -10.01 -20.91 -36.77
CA GLY A 119 -10.33 -21.06 -35.35
C GLY A 119 -11.02 -22.35 -34.94
N PHE A 120 -11.04 -22.63 -33.64
CA PHE A 120 -11.71 -23.84 -33.14
C PHE A 120 -12.93 -23.47 -32.30
N LEU A 121 -13.54 -24.49 -31.68
CA LEU A 121 -14.75 -24.29 -30.86
C LEU A 121 -14.64 -24.71 -29.40
N VAL A 122 -15.14 -23.86 -28.50
CA VAL A 122 -15.22 -24.17 -27.06
C VAL A 122 -16.76 -24.29 -26.93
N ASP A 123 -17.24 -25.47 -26.53
CA ASP A 123 -18.70 -25.73 -26.48
C ASP A 123 -19.24 -26.00 -25.08
N PHE A 124 -20.15 -25.14 -24.61
CA PHE A 124 -20.75 -25.29 -23.29
C PHE A 124 -22.22 -25.80 -23.40
N LYS A 125 -22.70 -26.01 -24.62
CA LYS A 125 -24.10 -26.43 -24.82
C LYS A 125 -24.52 -27.75 -24.19
N ASP A 126 -23.57 -28.67 -23.96
CA ASP A 126 -23.91 -29.96 -23.35
C ASP A 126 -23.58 -29.99 -21.85
N SER A 127 -23.11 -28.89 -21.29
CA SER A 127 -22.72 -28.87 -19.87
C SER A 127 -23.81 -28.56 -18.85
N ARG A 128 -23.72 -29.23 -17.70
CA ARG A 128 -24.67 -29.04 -16.60
C ARG A 128 -24.12 -28.01 -15.58
N ASP A 129 -22.87 -27.59 -15.78
CA ASP A 129 -22.19 -26.62 -14.89
C ASP A 129 -22.49 -25.18 -15.34
N LYS A 130 -23.09 -24.40 -14.44
CA LYS A 130 -23.45 -23.00 -14.75
C LYS A 130 -22.34 -22.01 -14.37
N ASN A 131 -21.42 -22.42 -13.50
CA ASN A 131 -20.35 -21.52 -13.05
C ASN A 131 -19.05 -21.77 -13.81
N LEU A 132 -19.02 -21.33 -15.07
CA LEU A 132 -17.87 -21.54 -15.96
C LEU A 132 -17.27 -20.32 -16.63
N ALA A 133 -15.93 -20.28 -16.67
CA ALA A 133 -15.15 -19.26 -17.37
C ALA A 133 -14.14 -20.06 -18.21
N VAL A 134 -13.70 -19.52 -19.35
CA VAL A 134 -12.72 -20.23 -20.19
C VAL A 134 -11.30 -20.00 -19.61
N PHE A 135 -10.94 -18.74 -19.44
CA PHE A 135 -9.62 -18.37 -18.89
C PHE A 135 -9.73 -17.43 -17.67
N LYS A 136 -8.91 -17.69 -16.65
CA LYS A 136 -8.81 -16.78 -15.49
C LYS A 136 -7.31 -16.41 -15.40
N LEU A 137 -7.00 -15.12 -15.54
CA LEU A 137 -5.60 -14.67 -15.52
C LEU A 137 -5.20 -13.97 -14.21
N GLY A 138 -3.93 -14.12 -13.85
CA GLY A 138 -3.41 -13.50 -12.65
C GLY A 138 -2.04 -12.86 -12.87
N ASP A 139 -1.00 -13.41 -12.23
CA ASP A 139 0.36 -12.87 -12.37
C ASP A 139 1.05 -13.48 -13.58
N VAL A 140 0.75 -12.93 -14.76
CA VAL A 140 1.33 -13.37 -16.02
C VAL A 140 1.72 -12.16 -16.86
N ARG A 141 2.91 -12.20 -17.46
CA ARG A 141 3.39 -11.12 -18.31
C ARG A 141 3.95 -11.70 -19.63
N ASN A 142 3.76 -10.96 -20.72
CA ASN A 142 4.18 -11.30 -22.08
C ASN A 142 3.40 -12.52 -22.58
N TYR A 143 2.12 -12.31 -22.89
CA TYR A 143 1.26 -13.43 -23.34
C TYR A 143 0.34 -13.10 -24.52
N LYS A 144 -0.25 -14.13 -25.12
CA LYS A 144 -1.18 -13.96 -26.24
C LYS A 144 -2.24 -15.08 -26.26
N ILE A 145 -3.53 -14.70 -26.35
CA ILE A 145 -4.65 -15.67 -26.40
C ILE A 145 -5.45 -15.32 -27.66
N SER A 146 -5.68 -16.30 -28.55
CA SER A 146 -6.30 -15.97 -29.83
C SER A 146 -7.00 -17.03 -30.71
N ASN A 147 -8.02 -16.58 -31.46
CA ASN A 147 -8.73 -17.36 -32.49
C ASN A 147 -9.62 -18.56 -32.19
N PHE A 148 -10.84 -18.29 -31.72
CA PHE A 148 -11.82 -19.35 -31.46
C PHE A 148 -13.23 -18.80 -31.25
N THR A 149 -14.21 -19.70 -31.27
CA THR A 149 -15.61 -19.37 -31.04
C THR A 149 -16.05 -20.06 -29.75
N ILE A 150 -16.90 -19.40 -28.98
CA ILE A 150 -17.42 -19.97 -27.73
C ILE A 150 -18.95 -20.10 -27.86
N ASP A 151 -19.48 -21.33 -27.85
CA ASP A 151 -20.94 -21.54 -27.93
C ASP A 151 -21.39 -21.63 -26.46
N ASP A 152 -21.81 -20.49 -25.90
CA ASP A 152 -22.22 -20.42 -24.49
C ASP A 152 -23.65 -20.97 -24.32
N ASN A 153 -24.08 -21.08 -23.07
CA ASN A 153 -25.43 -21.56 -22.72
C ASN A 153 -25.90 -20.74 -21.50
N LYS A 154 -25.76 -19.42 -21.63
CA LYS A 154 -26.11 -18.46 -20.58
C LYS A 154 -25.51 -18.76 -19.19
N THR A 155 -24.23 -19.15 -19.17
CA THR A 155 -23.55 -19.43 -17.90
C THR A 155 -23.21 -18.17 -17.10
N ILE A 156 -22.89 -18.34 -15.82
CA ILE A 156 -22.47 -17.22 -14.97
C ILE A 156 -20.98 -16.96 -15.31
N PHE A 157 -20.51 -15.73 -15.08
CA PHE A 157 -19.11 -15.29 -15.32
C PHE A 157 -18.76 -14.97 -16.78
N ALA A 158 -17.93 -13.93 -16.97
CA ALA A 158 -17.46 -13.58 -18.32
C ALA A 158 -16.48 -14.68 -18.72
N SER A 159 -16.30 -14.89 -20.02
CA SER A 159 -15.41 -15.95 -20.51
C SER A 159 -13.92 -15.79 -20.23
N ILE A 160 -13.42 -14.56 -20.29
CA ILE A 160 -12.01 -14.30 -20.01
C ILE A 160 -11.90 -13.26 -18.91
N LEU A 161 -11.37 -13.67 -17.75
CA LEU A 161 -11.23 -12.79 -16.59
C LEU A 161 -9.79 -12.27 -16.45
N VAL A 162 -9.61 -10.99 -16.72
CA VAL A 162 -8.29 -10.35 -16.62
C VAL A 162 -8.29 -9.85 -15.18
N ASP A 163 -7.94 -10.76 -14.26
CA ASP A 163 -8.02 -10.60 -12.80
C ASP A 163 -6.75 -10.40 -11.96
N VAL A 164 -6.94 -10.25 -10.64
CA VAL A 164 -5.83 -10.08 -9.68
C VAL A 164 -5.67 -11.32 -8.79
N THR A 165 -4.53 -11.44 -8.10
CA THR A 165 -4.29 -12.58 -7.21
C THR A 165 -3.34 -12.15 -6.06
N GLU A 166 -3.59 -12.66 -4.85
CA GLU A 166 -2.77 -12.30 -3.69
C GLU A 166 -1.55 -13.18 -3.47
N ARG A 167 -0.44 -12.57 -3.06
CA ARG A 167 0.78 -13.29 -2.76
C ARG A 167 1.76 -12.41 -1.97
N ASN A 168 2.32 -12.96 -0.90
CA ASN A 168 3.28 -12.21 -0.07
C ASN A 168 2.75 -10.90 0.49
N GLY A 169 1.45 -10.86 0.78
CA GLY A 169 0.86 -9.67 1.37
C GLY A 169 0.38 -8.55 0.45
N ARG A 170 0.35 -8.78 -0.87
CA ARG A 170 -0.14 -7.76 -1.82
C ARG A 170 -0.74 -8.41 -3.07
N LEU A 171 -1.31 -7.59 -3.96
CA LEU A 171 -1.92 -8.10 -5.20
C LEU A 171 -1.02 -8.00 -6.43
N HIS A 172 -1.24 -8.92 -7.37
CA HIS A 172 -0.48 -8.99 -8.63
C HIS A 172 -1.49 -9.26 -9.78
N TRP A 173 -1.15 -8.79 -10.99
CA TRP A 173 -2.04 -8.95 -12.14
C TRP A 173 -1.25 -8.96 -13.46
N SER A 174 -1.94 -9.13 -14.59
CA SER A 174 -1.26 -9.24 -15.87
C SER A 174 -0.79 -7.97 -16.57
N ARG A 175 0.30 -8.09 -17.33
CA ARG A 175 0.89 -6.97 -18.06
C ARG A 175 1.50 -7.44 -19.37
N ASN A 176 1.43 -6.60 -20.40
CA ASN A 176 2.01 -6.91 -21.71
C ASN A 176 1.38 -8.15 -22.36
N GLY A 177 0.26 -7.94 -23.05
CA GLY A 177 -0.42 -9.07 -23.69
C GLY A 177 -1.42 -8.67 -24.79
N ILE A 178 -1.85 -9.66 -25.58
CA ILE A 178 -2.82 -9.47 -26.67
C ILE A 178 -3.92 -10.56 -26.56
N ILE A 179 -5.19 -10.14 -26.61
CA ILE A 179 -6.36 -11.05 -26.56
C ILE A 179 -7.18 -10.67 -27.81
N GLU A 180 -7.31 -11.60 -28.77
CA GLU A 180 -7.96 -11.29 -30.05
C GLU A 180 -8.70 -12.42 -30.78
N ARG A 181 -9.51 -12.02 -31.76
CA ARG A 181 -10.22 -12.95 -32.62
C ARG A 181 -11.07 -14.01 -31.93
N ILE A 182 -12.05 -13.55 -31.15
CA ILE A 182 -12.95 -14.45 -30.43
C ILE A 182 -14.40 -14.02 -30.63
N LYS A 183 -15.26 -15.01 -30.91
CA LYS A 183 -16.71 -14.80 -31.08
C LYS A 183 -17.44 -15.61 -29.99
N GLN A 184 -18.43 -15.01 -29.33
CA GLN A 184 -19.21 -15.72 -28.30
C GLN A 184 -20.70 -15.68 -28.67
N ASN A 185 -21.34 -16.85 -28.63
CA ASN A 185 -22.77 -16.99 -28.94
C ASN A 185 -23.56 -17.28 -27.68
N ASN A 186 -24.77 -16.72 -27.59
CA ASN A 186 -25.68 -16.93 -26.46
C ASN A 186 -25.16 -16.63 -25.05
N ALA A 187 -24.69 -15.41 -24.82
CA ALA A 187 -24.18 -15.01 -23.50
C ALA A 187 -25.33 -14.52 -22.63
N LEU A 188 -25.19 -14.67 -21.31
CA LEU A 188 -26.19 -14.19 -20.36
C LEU A 188 -25.99 -12.66 -20.26
N PHE A 189 -27.07 -11.90 -20.09
CA PHE A 189 -26.96 -10.43 -20.04
C PHE A 189 -25.96 -9.79 -19.07
N GLY A 190 -25.78 -10.37 -17.88
CA GLY A 190 -24.88 -9.79 -16.90
C GLY A 190 -23.39 -10.04 -17.12
N TYR A 191 -23.05 -10.79 -18.16
CA TYR A 191 -21.66 -11.13 -18.42
C TYR A 191 -21.26 -10.86 -19.87
N GLY A 192 -20.59 -11.82 -20.51
CA GLY A 192 -20.14 -11.62 -21.87
C GLY A 192 -18.73 -12.19 -22.13
N LEU A 193 -18.03 -11.61 -23.09
CA LEU A 193 -16.71 -12.11 -23.49
C LEU A 193 -15.55 -11.76 -22.55
N ILE A 194 -15.25 -10.47 -22.39
CA ILE A 194 -14.16 -10.03 -21.51
C ILE A 194 -14.63 -9.23 -20.28
N GLN A 195 -14.03 -9.48 -19.10
CA GLN A 195 -14.28 -8.60 -17.95
C GLN A 195 -12.88 -8.27 -17.37
N THR A 196 -12.55 -6.97 -17.27
CA THR A 196 -11.22 -6.55 -16.78
C THR A 196 -11.18 -6.00 -15.34
N TYR A 197 -10.26 -6.53 -14.53
CA TYR A 197 -10.11 -6.10 -13.12
C TYR A 197 -8.76 -5.39 -12.88
N GLY A 198 -7.66 -6.07 -13.21
CA GLY A 198 -6.32 -5.50 -13.06
C GLY A 198 -5.56 -5.74 -14.35
N ALA A 199 -4.97 -4.70 -14.93
CA ALA A 199 -4.25 -4.87 -16.20
C ALA A 199 -3.42 -3.64 -16.59
N ASP A 200 -2.26 -3.90 -17.19
CA ASP A 200 -1.37 -2.86 -17.68
C ASP A 200 -0.87 -3.21 -19.10
N ASN A 201 -1.02 -2.28 -20.04
CA ASN A 201 -0.51 -2.50 -21.40
C ASN A 201 -1.04 -3.77 -22.07
N ILE A 202 -2.34 -3.82 -22.32
CA ILE A 202 -3.01 -4.97 -22.97
C ILE A 202 -3.75 -4.47 -24.24
N LEU A 203 -3.74 -5.28 -25.30
CA LEU A 203 -4.45 -4.97 -26.56
C LEU A 203 -5.59 -5.99 -26.78
N PHE A 204 -6.82 -5.49 -27.00
CA PHE A 204 -8.02 -6.32 -27.26
C PHE A 204 -8.45 -6.01 -28.71
N ARG A 205 -8.57 -7.03 -29.55
CA ARG A 205 -8.85 -6.83 -30.98
C ARG A 205 -9.77 -7.90 -31.64
N ASN A 206 -10.69 -7.45 -32.50
CA ASN A 206 -11.58 -8.37 -33.23
C ASN A 206 -12.38 -9.29 -32.30
N LEU A 207 -13.20 -8.69 -31.43
CA LEU A 207 -13.98 -9.45 -30.46
C LEU A 207 -15.47 -9.17 -30.70
N HIS A 208 -16.32 -10.19 -30.55
CA HIS A 208 -17.76 -10.04 -30.79
C HIS A 208 -18.55 -10.93 -29.83
N SER A 209 -19.57 -10.37 -29.18
CA SER A 209 -20.41 -11.12 -28.24
C SER A 209 -21.90 -10.95 -28.54
N GLU A 210 -22.61 -12.07 -28.63
CA GLU A 210 -24.06 -12.07 -28.86
C GLU A 210 -24.64 -12.16 -27.45
N GLY A 211 -25.23 -11.08 -26.97
CA GLY A 211 -25.78 -11.06 -25.62
C GLY A 211 -24.74 -10.43 -24.69
N GLY A 212 -25.18 -9.79 -23.61
CA GLY A 212 -24.25 -9.17 -22.66
C GLY A 212 -23.34 -8.09 -23.24
N ILE A 213 -22.08 -8.06 -22.78
CA ILE A 213 -21.09 -7.06 -23.22
C ILE A 213 -19.78 -7.71 -23.72
N ALA A 214 -19.28 -7.29 -24.89
CA ALA A 214 -18.05 -7.86 -25.42
C ALA A 214 -16.81 -7.44 -24.62
N LEU A 215 -16.56 -6.15 -24.46
CA LEU A 215 -15.43 -5.65 -23.67
C LEU A 215 -15.97 -4.85 -22.47
N ARG A 216 -16.12 -5.55 -21.35
CA ARG A 216 -16.69 -4.98 -20.11
C ARG A 216 -15.59 -4.53 -19.14
N MET A 217 -15.28 -3.23 -19.14
CA MET A 217 -14.24 -2.70 -18.24
C MET A 217 -14.89 -2.21 -16.95
N GLU A 218 -15.41 -3.18 -16.20
CA GLU A 218 -16.10 -2.94 -14.94
C GLU A 218 -15.23 -3.51 -13.83
N THR A 219 -14.46 -2.61 -13.21
CA THR A 219 -13.46 -2.96 -12.19
C THR A 219 -13.97 -3.03 -10.75
N ASP A 220 -14.64 -4.13 -10.39
CA ASP A 220 -15.24 -4.24 -9.06
C ASP A 220 -14.90 -5.42 -8.15
N ASN A 221 -13.78 -6.09 -8.39
CA ASN A 221 -13.35 -7.21 -7.56
C ASN A 221 -13.14 -6.73 -6.13
N LEU A 222 -13.74 -7.41 -5.15
CA LEU A 222 -13.62 -7.03 -3.74
C LEU A 222 -12.19 -6.99 -3.17
N LEU A 223 -11.31 -7.88 -3.65
CA LEU A 223 -9.93 -7.90 -3.19
C LEU A 223 -9.30 -6.53 -3.43
N MET A 224 -9.64 -5.92 -4.57
CA MET A 224 -9.08 -4.61 -4.93
C MET A 224 -9.58 -3.52 -4.01
N LYS A 225 -10.78 -3.72 -3.47
CA LYS A 225 -11.35 -2.75 -2.55
C LYS A 225 -10.62 -2.81 -1.20
N ASN A 226 -10.21 -4.00 -0.78
CA ASN A 226 -9.51 -4.18 0.47
C ASN A 226 -8.05 -3.75 0.45
N TYR A 227 -7.30 -4.22 -0.54
CA TYR A 227 -5.88 -3.90 -0.67
C TYR A 227 -5.62 -2.54 -1.32
N LYS A 228 -6.62 -2.00 -2.01
CA LYS A 228 -6.47 -0.74 -2.71
C LYS A 228 -5.34 -0.81 -3.76
N GLN A 229 -5.34 -1.91 -4.51
CA GLN A 229 -4.34 -2.13 -5.58
C GLN A 229 -5.08 -2.79 -6.76
N GLY A 230 -4.61 -2.53 -7.99
CA GLY A 230 -5.26 -3.11 -9.17
C GLY A 230 -5.67 -2.05 -10.19
N GLY A 231 -6.82 -2.24 -10.85
CA GLY A 231 -7.27 -1.29 -11.85
C GLY A 231 -6.57 -1.49 -13.20
N ILE A 232 -7.04 -0.80 -14.25
CA ILE A 232 -6.44 -0.93 -15.58
C ILE A 232 -5.86 0.38 -16.10
N ARG A 233 -4.72 0.29 -16.78
CA ARG A 233 -4.00 1.45 -17.33
C ARG A 233 -3.35 1.11 -18.68
N ASN A 234 -3.32 2.09 -19.60
CA ASN A 234 -2.70 1.90 -20.91
C ASN A 234 -3.29 0.75 -21.73
N ILE A 235 -4.61 0.78 -21.88
CA ILE A 235 -5.35 -0.24 -22.61
C ILE A 235 -5.73 0.24 -24.02
N PHE A 236 -5.59 -0.65 -25.00
CA PHE A 236 -5.93 -0.35 -26.41
C PHE A 236 -6.88 -1.42 -26.93
N ALA A 237 -7.82 -1.03 -27.80
CA ALA A 237 -8.79 -1.96 -28.38
C ALA A 237 -9.23 -1.52 -29.79
N ASP A 238 -9.57 -2.48 -30.65
CA ASP A 238 -9.98 -2.21 -32.04
C ASP A 238 -10.93 -3.30 -32.57
N ASN A 239 -11.97 -2.88 -33.30
CA ASN A 239 -12.96 -3.78 -33.89
C ASN A 239 -13.65 -4.64 -32.84
N ILE A 240 -14.47 -3.99 -32.01
CA ILE A 240 -15.22 -4.63 -30.93
C ILE A 240 -16.71 -4.55 -31.37
N ARG A 241 -17.40 -5.69 -31.35
CA ARG A 241 -18.81 -5.76 -31.82
C ARG A 241 -19.78 -6.44 -30.85
N CYS A 242 -21.06 -6.02 -30.92
CA CYS A 242 -22.16 -6.55 -30.09
C CYS A 242 -23.37 -6.88 -31.00
N SER A 243 -24.13 -7.93 -30.66
CA SER A 243 -25.36 -8.26 -31.40
C SER A 243 -26.35 -8.78 -30.37
N LYS A 244 -27.60 -8.30 -30.42
CA LYS A 244 -28.64 -8.72 -29.46
C LYS A 244 -28.18 -8.68 -27.98
N GLY A 245 -27.47 -7.61 -27.61
CA GLY A 245 -26.96 -7.48 -26.25
C GLY A 245 -27.09 -6.09 -25.63
N LEU A 246 -26.30 -5.82 -24.59
CA LEU A 246 -26.33 -4.53 -23.89
C LEU A 246 -25.50 -3.46 -24.60
N ALA A 247 -24.23 -3.79 -24.88
CA ALA A 247 -23.29 -2.88 -25.53
C ALA A 247 -22.02 -3.60 -25.98
N ALA A 248 -21.30 -3.03 -26.95
CA ALA A 248 -20.04 -3.62 -27.40
C ALA A 248 -18.93 -3.25 -26.44
N VAL A 249 -18.88 -1.98 -26.03
CA VAL A 249 -17.85 -1.46 -25.11
C VAL A 249 -18.48 -0.74 -23.90
N MET A 250 -18.03 -1.07 -22.70
CA MET A 250 -18.58 -0.46 -21.48
C MET A 250 -17.54 -0.10 -20.41
N PHE A 251 -17.70 1.09 -19.84
CA PHE A 251 -16.83 1.59 -18.76
C PHE A 251 -17.64 1.70 -17.46
N GLY A 252 -17.17 1.07 -16.39
CA GLY A 252 -17.85 1.11 -15.09
C GLY A 252 -16.81 0.93 -13.99
N PRO A 253 -16.23 2.03 -13.47
CA PRO A 253 -15.19 1.95 -12.44
C PRO A 253 -15.54 1.59 -11.00
N HIS A 254 -16.83 1.66 -10.65
CA HIS A 254 -17.22 1.40 -9.26
C HIS A 254 -16.37 2.27 -8.32
N PHE A 255 -15.58 1.66 -7.42
CA PHE A 255 -14.73 2.39 -6.44
C PHE A 255 -13.26 2.58 -6.84
N MET A 256 -12.87 2.04 -7.98
CA MET A 256 -11.49 2.08 -8.45
C MET A 256 -11.02 3.26 -9.32
N LYS A 257 -9.82 3.76 -9.05
CA LYS A 257 -9.25 4.83 -9.87
C LYS A 257 -8.40 4.18 -10.97
N ASN A 258 -8.90 4.20 -12.20
CA ASN A 258 -8.22 3.61 -13.35
C ASN A 258 -7.47 4.66 -14.17
N GLY A 259 -6.74 4.19 -15.20
CA GLY A 259 -5.98 5.06 -16.07
C GLY A 259 -6.56 5.32 -17.47
N ASP A 260 -5.72 5.34 -18.49
CA ASP A 260 -6.17 5.67 -19.85
C ASP A 260 -6.56 4.50 -20.77
N VAL A 261 -7.53 4.76 -21.66
CA VAL A 261 -8.02 3.75 -22.62
C VAL A 261 -8.30 4.36 -24.01
N GLN A 262 -7.90 3.66 -25.08
CA GLN A 262 -8.19 4.11 -26.45
C GLN A 262 -8.91 3.00 -27.21
N VAL A 263 -10.03 3.33 -27.87
CA VAL A 263 -10.83 2.36 -28.65
C VAL A 263 -11.13 2.86 -30.06
N THR A 264 -10.98 1.99 -31.06
CA THR A 264 -11.30 2.34 -32.46
C THR A 264 -12.22 1.28 -33.12
N ASN A 265 -13.13 1.74 -33.98
CA ASN A 265 -14.03 0.85 -34.72
C ASN A 265 -14.98 -0.03 -33.88
N VAL A 266 -16.00 0.59 -33.31
CA VAL A 266 -16.99 -0.11 -32.49
C VAL A 266 -18.29 -0.22 -33.30
N SER A 267 -18.94 -1.39 -33.28
CA SER A 267 -20.21 -1.56 -34.01
C SER A 267 -21.19 -2.45 -33.26
N SER A 268 -22.48 -2.27 -33.54
CA SER A 268 -23.53 -3.08 -32.91
C SER A 268 -24.75 -3.27 -33.82
N VAL A 269 -25.48 -4.35 -33.59
CA VAL A 269 -26.73 -4.66 -34.33
C VAL A 269 -27.71 -5.17 -33.29
N SER A 270 -28.82 -4.43 -33.12
CA SER A 270 -29.85 -4.77 -32.15
C SER A 270 -29.36 -4.85 -30.69
N CYS A 271 -28.55 -3.85 -30.26
CA CYS A 271 -28.05 -3.78 -28.87
C CYS A 271 -28.64 -2.51 -28.22
N GLY A 272 -28.59 -2.41 -26.90
CA GLY A 272 -29.09 -1.22 -26.22
C GLY A 272 -28.42 0.04 -26.79
N SER A 273 -27.09 0.00 -26.90
CA SER A 273 -26.28 1.09 -27.47
C SER A 273 -24.93 0.47 -27.85
N ALA A 274 -24.12 1.15 -28.65
CA ALA A 274 -22.81 0.58 -29.01
C ALA A 274 -21.79 0.80 -27.89
N VAL A 275 -21.83 1.98 -27.28
CA VAL A 275 -20.91 2.35 -26.18
C VAL A 275 -21.73 2.77 -24.96
N ARG A 276 -21.29 2.35 -23.76
CA ARG A 276 -21.95 2.70 -22.50
C ARG A 276 -20.92 3.08 -21.41
N SER A 277 -21.21 4.15 -20.67
CA SER A 277 -20.32 4.62 -19.59
C SER A 277 -21.15 4.90 -18.33
N ASP A 278 -20.79 4.25 -17.22
CA ASP A 278 -21.50 4.41 -15.95
C ASP A 278 -20.70 5.32 -14.99
N SER A 279 -21.39 5.96 -14.06
CA SER A 279 -20.70 6.80 -13.08
C SER A 279 -19.96 5.89 -12.10
N GLY A 280 -18.96 6.44 -11.42
CA GLY A 280 -18.27 5.68 -10.40
C GLY A 280 -19.22 5.78 -9.20
N PHE A 281 -19.15 4.86 -8.26
CA PHE A 281 -20.02 4.92 -7.09
C PHE A 281 -19.53 4.05 -5.95
N VAL A 282 -20.06 4.33 -4.77
CA VAL A 282 -19.71 3.60 -3.54
C VAL A 282 -20.88 2.71 -3.16
N GLU A 283 -20.65 1.40 -3.08
CA GLU A 283 -21.70 0.47 -2.67
C GLU A 283 -21.25 -0.31 -1.44
N LEU A 284 -22.12 -0.41 -0.44
CA LEU A 284 -21.78 -1.15 0.77
C LEU A 284 -22.57 -2.46 0.78
N PHE A 285 -21.85 -3.58 0.91
CA PHE A 285 -22.45 -4.90 0.91
C PHE A 285 -22.74 -5.40 2.32
N SER A 286 -23.84 -6.15 2.47
CA SER A 286 -24.22 -6.69 3.77
C SER A 286 -23.46 -7.98 4.08
N PRO A 287 -22.98 -8.13 5.33
CA PRO A 287 -22.27 -9.36 5.66
C PRO A 287 -23.12 -10.63 5.49
N THR A 288 -22.48 -11.71 5.05
CA THR A 288 -23.15 -13.00 4.85
C THR A 288 -23.37 -13.66 6.21
N ASP A 289 -22.58 -13.19 7.17
CA ASP A 289 -22.58 -13.65 8.55
C ASP A 289 -23.84 -13.19 9.27
N GLU A 290 -24.43 -12.10 8.78
CA GLU A 290 -25.60 -11.46 9.38
C GLU A 290 -26.87 -11.51 8.51
N VAL A 291 -28.02 -11.75 9.13
CA VAL A 291 -29.30 -11.82 8.42
C VAL A 291 -29.92 -10.44 8.23
N HIS A 292 -30.20 -10.07 6.99
CA HIS A 292 -30.78 -8.77 6.66
C HIS A 292 -31.90 -8.83 5.62
N THR A 293 -32.59 -7.71 5.45
CA THR A 293 -33.68 -7.59 4.48
C THR A 293 -33.38 -6.36 3.64
N ARG A 294 -34.26 -6.05 2.70
CA ARG A 294 -34.08 -4.88 1.85
C ARG A 294 -33.98 -3.64 2.72
N GLN A 295 -35.09 -3.32 3.40
CA GLN A 295 -35.16 -2.16 4.28
C GLN A 295 -34.21 -2.23 5.48
N SER A 296 -33.81 -3.44 5.86
CA SER A 296 -32.92 -3.62 7.00
C SER A 296 -31.48 -3.20 6.74
N TRP A 297 -31.00 -3.38 5.51
CA TRP A 297 -29.64 -2.98 5.18
C TRP A 297 -29.62 -1.48 4.92
N LYS A 298 -30.67 -0.96 4.29
CA LYS A 298 -30.76 0.46 3.99
C LYS A 298 -30.68 1.26 5.28
N GLN A 299 -31.41 0.81 6.30
CA GLN A 299 -31.44 1.48 7.60
C GLN A 299 -30.07 1.44 8.26
N ALA A 300 -29.42 0.28 8.19
CA ALA A 300 -28.10 0.10 8.78
C ALA A 300 -27.08 1.09 8.20
N VAL A 301 -27.26 1.44 6.92
CA VAL A 301 -26.37 2.37 6.24
C VAL A 301 -26.68 3.83 6.56
N GLU A 302 -27.95 4.21 6.49
CA GLU A 302 -28.33 5.58 6.76
C GLU A 302 -28.05 5.97 8.21
N SER A 303 -27.93 4.95 9.07
CA SER A 303 -27.65 5.21 10.49
C SER A 303 -26.20 5.63 10.69
N LYS A 304 -25.40 5.55 9.62
CA LYS A 304 -23.99 5.94 9.69
C LYS A 304 -23.69 7.12 8.77
N LEU A 305 -24.26 7.09 7.57
CA LEU A 305 -24.04 8.15 6.60
C LEU A 305 -25.04 9.28 6.77
N GLY A 306 -26.27 8.92 7.11
CA GLY A 306 -27.31 9.91 7.30
C GLY A 306 -28.57 9.57 6.52
N ARG A 307 -29.64 10.30 6.79
CA ARG A 307 -30.92 10.09 6.13
C ARG A 307 -30.88 10.57 4.69
N GLY A 308 -31.39 9.75 3.79
CA GLY A 308 -31.42 10.09 2.38
C GLY A 308 -30.07 9.86 1.71
N CYS A 309 -29.15 9.22 2.43
CA CYS A 309 -27.82 8.96 1.88
C CYS A 309 -27.66 7.58 1.25
N ALA A 310 -28.68 6.75 1.36
CA ALA A 310 -28.63 5.40 0.80
C ALA A 310 -29.76 5.13 -0.20
N GLN A 311 -29.39 4.69 -1.41
CA GLN A 311 -30.37 4.37 -2.42
C GLN A 311 -30.97 3.01 -2.08
N THR A 312 -32.15 2.71 -2.62
CA THR A 312 -32.79 1.43 -2.33
C THR A 312 -31.85 0.28 -2.71
N PRO A 313 -31.56 -0.61 -1.75
CA PRO A 313 -30.68 -1.76 -1.96
C PRO A 313 -31.23 -2.78 -2.94
N TYR A 314 -30.34 -3.47 -3.64
CA TYR A 314 -30.74 -4.49 -4.61
C TYR A 314 -29.92 -5.77 -4.42
N ALA A 315 -30.46 -6.88 -4.90
CA ALA A 315 -29.80 -8.18 -4.79
C ALA A 315 -28.46 -8.21 -5.50
N TRP A 323 -27.09 -8.27 -0.41
CA TRP A 323 -27.69 -6.96 -0.69
C TRP A 323 -26.65 -5.87 -0.85
N ALA A 324 -26.80 -5.07 -1.91
CA ALA A 324 -25.88 -3.97 -2.18
C ALA A 324 -26.60 -2.64 -2.09
N ALA A 325 -26.09 -1.74 -1.24
CA ALA A 325 -26.67 -0.42 -1.05
C ALA A 325 -25.73 0.63 -1.65
N ARG A 326 -26.23 1.36 -2.64
CA ARG A 326 -25.44 2.39 -3.32
C ARG A 326 -25.66 3.74 -2.65
N VAL A 327 -24.55 4.41 -2.30
CA VAL A 327 -24.61 5.72 -1.65
C VAL A 327 -25.17 6.80 -2.58
N THR A 328 -26.12 7.58 -2.05
CA THR A 328 -26.77 8.64 -2.83
C THR A 328 -25.76 9.60 -3.46
N GLN A 329 -25.95 9.87 -4.75
CA GLN A 329 -25.07 10.77 -5.51
C GLN A 329 -25.17 12.22 -5.03
N LYS A 330 -24.59 12.48 -3.88
CA LYS A 330 -24.60 13.83 -3.32
C LYS A 330 -23.35 14.07 -2.50
N ASP A 331 -22.46 14.89 -3.07
CA ASP A 331 -21.18 15.23 -2.45
C ASP A 331 -21.18 15.16 -0.92
N ALA A 332 -22.25 15.65 -0.29
CA ALA A 332 -22.35 15.63 1.15
C ALA A 332 -22.23 14.20 1.69
N CYS A 333 -23.10 13.31 1.22
CA CYS A 333 -23.09 11.92 1.65
C CYS A 333 -21.77 11.21 1.29
N LEU A 334 -21.28 11.48 0.08
CA LEU A 334 -20.03 10.86 -0.38
C LEU A 334 -18.85 11.22 0.51
N ASP A 335 -18.84 12.44 1.06
CA ASP A 335 -17.76 12.87 1.94
C ASP A 335 -17.82 12.14 3.27
N LYS A 336 -19.02 11.70 3.64
CA LYS A 336 -19.20 10.99 4.90
C LYS A 336 -18.78 9.52 4.79
N ALA A 337 -19.08 8.93 3.64
CA ALA A 337 -18.73 7.54 3.38
C ALA A 337 -17.21 7.33 3.37
N LYS A 338 -16.47 8.36 2.95
CA LYS A 338 -15.02 8.28 2.89
C LYS A 338 -14.42 8.28 4.29
N LEU A 339 -14.99 9.11 5.16
CA LEU A 339 -14.52 9.22 6.54
C LEU A 339 -14.78 7.94 7.33
N GLU A 340 -15.93 7.30 7.09
CA GLU A 340 -16.28 6.08 7.82
C GLU A 340 -15.73 4.79 7.21
N TYR A 341 -15.88 4.64 5.90
CA TYR A 341 -15.42 3.42 5.24
C TYR A 341 -14.11 3.55 4.48
N GLY A 342 -13.66 4.78 4.26
CA GLY A 342 -12.43 5.00 3.52
C GLY A 342 -12.56 4.59 2.06
N ILE A 343 -13.72 4.87 1.45
CA ILE A 343 -14.00 4.54 0.05
C ILE A 343 -14.49 5.77 -0.69
N GLU A 344 -14.19 5.85 -1.98
CA GLU A 344 -14.59 6.98 -2.84
C GLU A 344 -15.03 6.50 -4.21
N PRO A 345 -15.78 7.33 -4.95
CA PRO A 345 -16.24 6.94 -6.29
C PRO A 345 -15.01 6.79 -7.19
N GLY A 346 -15.03 5.79 -8.07
CA GLY A 346 -13.89 5.58 -8.96
C GLY A 346 -14.00 6.41 -10.22
N SER A 347 -13.06 6.20 -11.17
CA SER A 347 -13.04 6.94 -12.43
C SER A 347 -12.04 6.35 -13.42
N PHE A 348 -11.95 6.96 -14.61
CA PHE A 348 -10.99 6.58 -15.65
C PHE A 348 -10.24 7.88 -15.96
N GLY A 349 -9.03 7.79 -16.50
CA GLY A 349 -8.27 8.99 -16.81
C GLY A 349 -8.71 9.53 -18.16
N THR A 350 -7.88 9.38 -19.18
CA THR A 350 -8.24 9.85 -20.52
C THR A 350 -8.85 8.69 -21.32
N VAL A 351 -10.04 8.90 -21.87
CA VAL A 351 -10.71 7.86 -22.67
C VAL A 351 -11.23 8.45 -23.98
N LYS A 352 -10.81 7.87 -25.11
CA LYS A 352 -11.27 8.31 -26.42
C LYS A 352 -11.73 7.12 -27.27
N VAL A 353 -12.89 7.27 -27.93
CA VAL A 353 -13.48 6.21 -28.78
C VAL A 353 -13.74 6.78 -30.20
N PHE A 354 -13.09 6.20 -31.22
CA PHE A 354 -13.22 6.66 -32.61
C PHE A 354 -13.96 5.70 -33.57
N ASP A 355 -14.96 6.22 -34.29
CA ASP A 355 -15.73 5.47 -35.28
C ASP A 355 -16.68 4.44 -34.68
N VAL A 356 -17.90 4.90 -34.39
CA VAL A 356 -18.98 4.11 -33.79
C VAL A 356 -20.18 3.96 -34.73
N THR A 357 -20.64 2.73 -34.96
CA THR A 357 -21.80 2.48 -35.84
C THR A 357 -22.83 1.57 -35.17
N ALA A 358 -24.05 2.08 -34.98
CA ALA A 358 -25.13 1.30 -34.35
C ALA A 358 -26.30 1.05 -35.31
N ARG A 359 -26.62 -0.24 -35.52
CA ARG A 359 -27.72 -0.62 -36.40
C ARG A 359 -28.92 -1.07 -35.55
N PHE A 360 -30.09 -0.52 -35.87
CA PHE A 360 -31.32 -0.80 -35.15
C PHE A 360 -31.81 -2.24 -35.23
N GLY A 361 -32.51 -2.69 -34.19
CA GLY A 361 -33.07 -4.04 -34.14
C GLY A 361 -34.11 -4.12 -33.05
N TYR A 362 -34.93 -5.17 -33.03
CA TYR A 362 -35.98 -5.34 -32.01
C TYR A 362 -35.62 -6.28 -30.87
N ASN A 363 -34.40 -6.83 -30.86
CA ASN A 363 -33.99 -7.79 -29.82
C ASN A 363 -32.76 -7.47 -28.93
N ALA A 364 -32.73 -6.26 -28.39
CA ALA A 364 -31.63 -5.80 -27.50
C ALA A 364 -31.86 -6.20 -26.03
N ASP A 365 -30.76 -6.28 -25.26
CA ASP A 365 -30.85 -6.56 -23.82
C ASP A 365 -31.05 -5.15 -23.26
N LEU A 366 -32.00 -4.96 -22.35
CA LEU A 366 -32.27 -3.63 -21.79
C LEU A 366 -32.42 -3.66 -20.26
N LYS A 367 -32.04 -2.57 -19.59
CA LYS A 367 -32.17 -2.46 -18.14
C LYS A 367 -33.45 -1.66 -17.81
N GLN A 368 -34.00 -1.86 -16.63
CA GLN A 368 -35.23 -1.18 -16.22
C GLN A 368 -35.06 0.35 -16.19
N ASP A 369 -33.92 0.82 -15.69
CA ASP A 369 -33.65 2.25 -15.60
C ASP A 369 -33.40 2.92 -16.97
N GLN A 370 -33.58 2.16 -18.06
CA GLN A 370 -33.39 2.70 -19.40
C GLN A 370 -34.71 2.75 -20.20
N LEU A 371 -35.73 2.04 -19.73
CA LEU A 371 -37.02 1.98 -20.43
C LEU A 371 -37.78 3.29 -20.60
N ASP A 372 -37.55 4.25 -19.71
CA ASP A 372 -38.27 5.52 -19.82
C ASP A 372 -37.81 6.35 -21.02
N TYR A 373 -36.72 5.93 -21.66
CA TYR A 373 -36.19 6.67 -22.82
C TYR A 373 -36.95 6.33 -24.11
N PHE A 374 -37.97 5.47 -24.01
CA PHE A 374 -38.78 5.13 -25.19
C PHE A 374 -39.87 6.19 -25.38
N SER A 375 -39.99 7.10 -24.43
CA SER A 375 -41.04 8.14 -24.48
C SER A 375 -41.09 8.97 -25.76
N THR A 376 -39.95 9.14 -26.43
CA THR A 376 -39.93 9.94 -27.64
C THR A 376 -40.38 9.19 -28.89
N SER A 377 -39.79 8.03 -29.17
CA SER A 377 -40.12 7.29 -30.37
C SER A 377 -41.07 6.10 -30.23
N ASN A 378 -41.27 5.61 -29.00
CA ASN A 378 -42.11 4.44 -28.80
C ASN A 378 -42.99 4.66 -27.57
N PRO A 379 -43.91 5.64 -27.64
CA PRO A 379 -44.82 5.98 -26.54
C PRO A 379 -45.76 4.88 -26.04
N MET A 380 -46.00 3.86 -26.85
CA MET A 380 -46.87 2.75 -26.44
C MET A 380 -46.06 1.49 -26.04
N CYS A 381 -44.74 1.66 -25.88
CA CYS A 381 -43.84 0.57 -25.49
C CYS A 381 -44.10 -0.72 -26.27
N LYS A 382 -44.13 -0.61 -27.60
CA LYS A 382 -44.34 -1.76 -28.48
C LYS A 382 -43.07 -2.59 -28.63
N ARG A 383 -43.22 -3.90 -28.80
CA ARG A 383 -42.11 -4.83 -29.00
C ARG A 383 -41.14 -5.07 -27.83
N VAL A 384 -41.52 -4.64 -26.63
CA VAL A 384 -40.69 -4.85 -25.43
C VAL A 384 -41.36 -5.98 -24.60
N CYS A 385 -40.57 -6.88 -24.02
CA CYS A 385 -41.13 -7.97 -23.20
C CYS A 385 -40.30 -8.24 -21.95
N LEU A 386 -40.94 -8.86 -20.96
CA LEU A 386 -40.29 -9.20 -19.71
C LEU A 386 -40.11 -10.72 -19.63
N PRO A 387 -38.84 -11.17 -19.49
CA PRO A 387 -38.57 -12.62 -19.40
C PRO A 387 -39.34 -13.25 -18.23
N THR A 388 -39.81 -14.49 -18.43
CA THR A 388 -40.57 -15.17 -17.37
C THR A 388 -39.67 -15.53 -16.19
N LYS A 389 -40.31 -15.91 -15.07
CA LYS A 389 -39.58 -16.28 -13.86
C LYS A 389 -38.70 -17.50 -14.14
N GLU A 390 -39.18 -18.39 -15.01
CA GLU A 390 -38.43 -19.59 -15.37
C GLU A 390 -37.16 -19.23 -16.14
N GLN A 391 -37.23 -18.16 -16.93
CA GLN A 391 -36.10 -17.72 -17.74
C GLN A 391 -35.04 -16.99 -16.87
N TRP A 392 -35.49 -16.10 -15.99
CA TRP A 392 -34.60 -15.39 -15.07
C TRP A 392 -35.45 -15.04 -13.85
N SER A 393 -35.15 -15.67 -12.71
CA SER A 393 -35.93 -15.48 -11.48
C SER A 393 -35.96 -14.10 -10.84
N LYS A 394 -34.98 -13.25 -11.10
CA LYS A 394 -35.00 -11.90 -10.54
C LYS A 394 -35.61 -10.95 -11.57
N GLN A 395 -36.95 -10.91 -11.62
CA GLN A 395 -37.64 -10.06 -12.59
C GLN A 395 -37.36 -8.58 -12.38
N GLY A 396 -37.02 -7.90 -13.47
CA GLY A 396 -36.70 -6.48 -13.41
C GLY A 396 -35.24 -6.21 -13.74
N GLN A 397 -34.39 -7.24 -13.63
CA GLN A 397 -32.97 -7.09 -13.93
C GLN A 397 -32.69 -7.08 -15.45
N ILE A 398 -33.60 -7.66 -16.24
CA ILE A 398 -33.41 -7.73 -17.69
C ILE A 398 -34.72 -7.67 -18.51
N TYR A 399 -34.70 -6.92 -19.62
CA TYR A 399 -35.84 -6.83 -20.55
C TYR A 399 -35.26 -7.00 -21.95
N ILE A 400 -36.11 -7.38 -22.92
CA ILE A 400 -35.69 -7.50 -24.31
C ILE A 400 -36.59 -6.57 -25.14
N GLY A 401 -36.00 -5.77 -26.02
CA GLY A 401 -36.77 -4.83 -26.82
C GLY A 401 -35.95 -4.04 -27.83
N PRO A 402 -36.51 -2.97 -28.42
CA PRO A 402 -35.79 -2.16 -29.42
C PRO A 402 -34.52 -1.46 -28.89
N SER A 403 -33.56 -1.24 -29.78
CA SER A 403 -32.31 -0.54 -29.48
C SER A 403 -32.70 0.88 -29.06
N LEU A 404 -31.95 1.46 -28.12
CA LEU A 404 -32.24 2.81 -27.60
C LEU A 404 -31.42 3.98 -28.15
N ALA A 405 -30.11 3.78 -28.37
CA ALA A 405 -29.26 4.86 -28.85
C ALA A 405 -27.92 4.37 -29.41
N ALA A 406 -27.09 5.31 -29.84
CA ALA A 406 -25.77 4.93 -30.35
C ALA A 406 -24.83 4.92 -29.14
N VAL A 407 -25.02 5.89 -28.25
CA VAL A 407 -24.19 6.06 -27.05
C VAL A 407 -25.01 6.42 -25.80
N ILE A 408 -24.63 5.81 -24.66
CA ILE A 408 -25.27 6.09 -23.38
C ILE A 408 -24.15 6.52 -22.41
N ASP A 409 -24.34 7.65 -21.71
CA ASP A 409 -23.32 8.18 -20.80
C ASP A 409 -23.97 8.80 -19.55
N THR A 410 -23.88 8.09 -18.43
CA THR A 410 -24.47 8.61 -17.20
C THR A 410 -23.47 9.09 -16.17
N THR A 411 -22.32 9.59 -16.61
CA THR A 411 -21.32 10.11 -15.68
C THR A 411 -21.87 11.43 -15.17
N PRO A 412 -21.64 11.77 -13.88
CA PRO A 412 -22.12 13.00 -13.25
C PRO A 412 -21.41 14.29 -13.68
N GLU A 413 -21.78 14.77 -14.87
CA GLU A 413 -21.22 15.96 -15.49
C GLU A 413 -20.94 17.16 -14.59
N THR A 414 -21.93 17.56 -13.80
CA THR A 414 -21.78 18.73 -12.94
C THR A 414 -21.18 18.41 -11.55
N SER A 415 -20.63 17.21 -11.41
CA SER A 415 -20.04 16.78 -10.14
C SER A 415 -18.51 16.80 -10.11
N LYS A 416 -17.96 16.89 -8.90
CA LYS A 416 -16.51 16.89 -8.70
C LYS A 416 -15.93 15.50 -8.90
N TYR A 417 -16.77 14.48 -8.92
CA TYR A 417 -16.33 13.10 -9.11
C TYR A 417 -16.54 12.60 -10.54
N ASP A 418 -16.77 13.51 -11.48
CA ASP A 418 -17.01 13.16 -12.88
C ASP A 418 -15.74 12.69 -13.61
N TYR A 419 -15.92 11.94 -14.68
CA TYR A 419 -14.83 11.52 -15.57
C TYR A 419 -15.46 11.51 -16.97
N ASP A 420 -14.66 11.63 -18.02
CA ASP A 420 -15.23 11.69 -19.36
C ASP A 420 -14.79 10.63 -20.38
N VAL A 421 -15.71 10.28 -21.27
CA VAL A 421 -15.49 9.32 -22.36
C VAL A 421 -15.91 10.07 -23.63
N LYS A 422 -14.92 10.48 -24.44
CA LYS A 422 -15.20 11.24 -25.66
C LYS A 422 -15.39 10.34 -26.88
N THR A 423 -16.42 10.59 -27.67
CA THR A 423 -16.69 9.78 -28.86
C THR A 423 -16.55 10.61 -30.15
N PHE A 424 -16.07 9.98 -31.22
CA PHE A 424 -15.87 10.66 -32.49
C PHE A 424 -16.46 9.84 -33.65
N ASN A 425 -17.07 10.52 -34.61
CA ASN A 425 -17.68 9.89 -35.78
C ASN A 425 -18.73 8.81 -35.45
N VAL A 426 -19.81 9.23 -34.80
CA VAL A 426 -20.91 8.34 -34.38
C VAL A 426 -22.03 8.31 -35.42
N LYS A 427 -22.45 7.11 -35.82
CA LYS A 427 -23.50 6.95 -36.84
C LYS A 427 -24.57 5.92 -36.47
N ARG A 428 -25.79 6.14 -36.96
CA ARG A 428 -26.91 5.23 -36.71
C ARG A 428 -27.54 4.72 -38.03
N ILE A 429 -27.99 3.47 -38.04
CA ILE A 429 -28.61 2.89 -39.24
C ILE A 429 -29.99 2.29 -38.94
N ASN A 430 -30.98 2.69 -39.75
CA ASN A 430 -32.37 2.20 -39.63
C ASN A 430 -33.13 2.46 -38.32
N PHE A 431 -32.75 3.48 -37.56
CA PHE A 431 -33.48 3.78 -36.33
C PHE A 431 -34.79 4.50 -36.69
N PRO A 432 -35.85 4.31 -35.88
CA PRO A 432 -37.14 4.97 -36.17
C PRO A 432 -37.09 6.47 -35.90
N VAL A 433 -37.99 7.21 -36.53
CA VAL A 433 -38.03 8.66 -36.34
C VAL A 433 -38.15 9.00 -34.86
N ASN A 434 -37.45 10.06 -34.46
CA ASN A 434 -37.44 10.55 -33.08
C ASN A 434 -36.73 9.70 -32.00
N SER A 435 -35.90 8.74 -32.42
CA SER A 435 -35.14 7.94 -31.47
C SER A 435 -33.94 8.81 -30.96
N HIS A 436 -33.19 8.30 -29.98
CA HIS A 436 -32.05 9.05 -29.42
C HIS A 436 -30.72 8.71 -30.11
N LYS A 437 -29.77 9.66 -30.11
CA LYS A 437 -28.45 9.39 -30.67
C LYS A 437 -27.54 9.15 -29.44
N THR A 438 -27.45 10.15 -28.57
CA THR A 438 -26.70 10.05 -27.31
C THR A 438 -27.64 10.35 -26.15
N ILE A 439 -27.63 9.48 -25.14
CA ILE A 439 -28.44 9.65 -23.93
C ILE A 439 -27.48 9.99 -22.81
N ASP A 440 -27.68 11.12 -22.12
CA ASP A 440 -26.82 11.49 -21.01
C ASP A 440 -27.66 11.89 -19.79
N THR A 441 -27.04 12.43 -18.74
CA THR A 441 -27.82 12.75 -17.55
C THR A 441 -28.83 13.87 -17.70
N ASN A 442 -28.81 14.61 -18.81
CA ASN A 442 -29.77 15.70 -19.00
C ASN A 442 -30.90 15.31 -19.96
N THR A 443 -30.81 14.14 -20.58
CA THR A 443 -31.81 13.69 -21.53
C THR A 443 -33.19 13.50 -20.86
N GLU A 444 -34.24 14.08 -21.45
CA GLU A 444 -35.60 13.96 -20.89
C GLU A 444 -36.18 12.56 -21.10
N SER A 445 -37.05 12.14 -20.18
CA SER A 445 -37.68 10.83 -20.25
C SER A 445 -38.99 10.82 -19.47
N SER A 446 -39.76 9.75 -19.63
CA SER A 446 -41.03 9.59 -18.92
C SER A 446 -41.41 8.10 -18.95
N ARG A 447 -42.17 7.64 -17.96
CA ARG A 447 -42.55 6.23 -17.94
C ARG A 447 -43.70 5.89 -18.88
N VAL A 448 -43.41 5.03 -19.86
CA VAL A 448 -44.41 4.61 -20.83
C VAL A 448 -44.57 3.10 -20.87
N CYS A 449 -43.73 2.39 -20.12
CA CYS A 449 -43.78 0.91 -20.05
C CYS A 449 -44.35 0.40 -18.73
N ASN A 450 -45.01 -0.76 -18.79
CA ASN A 450 -45.59 -1.42 -17.61
C ASN A 450 -44.51 -2.38 -17.10
N TYR A 451 -43.71 -1.92 -16.14
CA TYR A 451 -42.57 -2.69 -15.62
C TYR A 451 -42.75 -4.18 -15.31
N TYR A 452 -43.80 -4.51 -14.54
CA TYR A 452 -44.03 -5.88 -14.15
C TYR A 452 -45.30 -6.54 -14.73
N GLY A 453 -46.13 -5.75 -15.42
CA GLY A 453 -47.34 -6.30 -16.02
C GLY A 453 -47.33 -6.46 -17.54
N MET A 454 -46.22 -6.07 -18.18
CA MET A 454 -46.11 -6.17 -19.64
C MET A 454 -46.08 -7.61 -20.17
N SER A 455 -46.21 -7.74 -21.50
CA SER A 455 -46.17 -9.05 -22.14
C SER A 455 -44.90 -9.81 -21.74
N GLU A 456 -45.00 -11.14 -21.70
CA GLU A 456 -43.84 -11.98 -21.34
C GLU A 456 -43.11 -12.40 -22.61
N CYS A 457 -41.78 -12.59 -22.52
CA CYS A 457 -41.02 -13.00 -23.68
C CYS A 457 -41.29 -14.47 -23.99
N SER A 458 -41.42 -14.82 -25.27
CA SER A 458 -41.62 -16.21 -25.63
C SER A 458 -40.30 -16.95 -25.40
N SER A 459 -40.36 -18.27 -25.31
CA SER A 459 -39.17 -19.09 -25.11
C SER A 459 -38.19 -18.85 -26.24
N SER A 460 -38.73 -18.80 -27.46
CA SER A 460 -37.93 -18.59 -28.65
C SER A 460 -37.17 -17.27 -28.62
N ARG A 461 -37.81 -16.23 -28.09
CA ARG A 461 -37.15 -14.93 -28.04
C ARG A 461 -36.02 -14.86 -27.01
N TRP A 462 -36.20 -15.53 -25.88
CA TRP A 462 -35.18 -15.54 -24.82
C TRP A 462 -34.00 -16.44 -25.17
N GLU A 463 -34.30 -17.63 -25.67
CA GLU A 463 -33.28 -18.60 -26.02
C GLU A 463 -32.38 -18.21 -27.20
N ARG A 464 -32.86 -17.30 -28.03
CA ARG A 464 -32.11 -16.87 -29.21
C ARG A 464 -31.84 -18.05 -30.15
N VAL B 1 -2.80 -12.80 19.53
CA VAL B 1 -1.97 -12.32 20.68
C VAL B 1 -2.51 -10.99 21.21
N SER B 2 -2.26 -10.74 22.50
CA SER B 2 -2.69 -9.50 23.14
C SER B 2 -1.51 -8.98 23.95
N PRO B 3 -1.35 -7.66 24.05
CA PRO B 3 -0.24 -7.07 24.81
C PRO B 3 -0.25 -7.36 26.31
N LYS B 4 0.91 -7.30 26.93
CA LYS B 4 1.03 -7.52 28.36
C LYS B 4 0.66 -6.21 29.05
N THR B 5 0.06 -6.29 30.25
CA THR B 5 -0.30 -5.07 30.98
C THR B 5 0.79 -4.72 31.99
N TYR B 6 0.74 -3.51 32.55
CA TYR B 6 1.74 -3.06 33.52
C TYR B 6 1.19 -1.90 34.34
N LYS B 7 1.93 -1.48 35.37
CA LYS B 7 1.55 -0.35 36.21
C LYS B 7 2.75 0.57 36.39
N ASP B 8 2.53 1.85 36.68
CA ASP B 8 3.65 2.79 36.85
C ASP B 8 4.69 2.32 37.88
N ALA B 9 4.23 1.81 39.02
CA ALA B 9 5.15 1.36 40.07
C ALA B 9 6.10 0.21 39.62
N ASP B 10 5.83 -0.39 38.47
CA ASP B 10 6.71 -1.45 37.99
C ASP B 10 8.03 -0.83 37.50
N PHE B 11 7.98 0.48 37.25
CA PHE B 11 9.11 1.24 36.73
C PHE B 11 9.72 2.28 37.66
N TYR B 12 8.85 3.07 38.29
CA TYR B 12 9.27 4.19 39.15
C TYR B 12 8.50 4.18 40.46
N VAL B 13 9.19 4.44 41.57
CA VAL B 13 8.54 4.51 42.89
C VAL B 13 8.89 5.86 43.50
N ALA B 14 7.87 6.68 43.72
CA ALA B 14 8.06 8.01 44.30
C ALA B 14 8.39 7.96 45.79
N PRO B 15 9.09 9.01 46.31
CA PRO B 15 9.46 9.05 47.73
C PRO B 15 8.21 9.20 48.58
N THR B 16 8.19 8.57 49.75
CA THR B 16 7.04 8.66 50.64
C THR B 16 7.24 9.68 51.76
N GLN B 17 8.42 10.31 51.80
CA GLN B 17 8.74 11.35 52.79
C GLN B 17 9.92 12.19 52.27
N GLN B 18 9.95 13.49 52.61
CA GLN B 18 11.03 14.37 52.19
C GLN B 18 11.44 15.33 53.31
N ASP B 19 12.67 15.85 53.27
CA ASP B 19 13.14 16.78 54.31
C ASP B 19 12.84 18.27 54.04
N VAL B 20 12.90 18.71 52.79
CA VAL B 20 12.66 20.13 52.50
C VAL B 20 11.90 20.44 51.19
N ASN B 21 11.39 21.68 51.07
CA ASN B 21 10.70 22.18 49.87
C ASN B 21 11.26 23.62 49.63
N TYR B 22 12.03 23.84 48.56
CA TYR B 22 12.63 25.15 48.24
C TYR B 22 12.10 25.75 46.92
N ASP B 23 12.27 27.07 46.74
CA ASP B 23 11.84 27.78 45.51
C ASP B 23 13.14 28.36 44.92
N LEU B 24 13.37 28.11 43.63
CA LEU B 24 14.60 28.58 42.96
C LEU B 24 14.81 30.09 43.02
N VAL B 25 13.73 30.87 42.96
CA VAL B 25 13.86 32.33 43.02
C VAL B 25 13.90 32.85 44.45
N ASP B 26 12.91 32.46 45.26
CA ASP B 26 12.83 32.93 46.64
C ASP B 26 13.95 32.47 47.57
N ASP B 27 14.40 31.22 47.46
CA ASP B 27 15.47 30.75 48.35
C ASP B 27 16.89 30.79 47.80
N PHE B 28 17.06 30.72 46.48
CA PHE B 28 18.41 30.73 45.92
C PHE B 28 18.74 31.91 45.00
N GLY B 29 17.80 32.84 44.88
CA GLY B 29 18.00 34.05 44.11
C GLY B 29 18.10 34.07 42.59
N ALA B 30 17.59 33.06 41.90
CA ALA B 30 17.65 33.09 40.44
C ALA B 30 16.77 34.25 39.97
N ASN B 31 16.98 34.72 38.74
CA ASN B 31 16.19 35.83 38.19
C ASN B 31 15.60 35.44 36.85
N GLY B 32 14.28 35.28 36.81
CA GLY B 32 13.61 34.88 35.58
C GLY B 32 13.07 36.05 34.76
N ASN B 33 13.58 37.24 35.03
CA ASN B 33 13.14 38.44 34.33
C ASN B 33 14.22 39.12 33.51
N ASP B 34 15.38 38.50 33.42
CA ASP B 34 16.50 39.05 32.64
C ASP B 34 17.00 38.02 31.64
N THR B 35 18.17 38.27 31.07
CA THR B 35 18.78 37.37 30.10
C THR B 35 20.09 36.78 30.62
N SER B 36 20.28 36.81 31.94
CA SER B 36 21.51 36.29 32.54
C SER B 36 21.41 34.82 32.97
N ASP B 37 22.57 34.17 32.99
CA ASP B 37 22.70 32.76 33.38
C ASP B 37 22.16 32.49 34.78
N ASP B 38 21.48 31.35 34.94
CA ASP B 38 20.92 30.96 36.23
C ASP B 38 21.46 29.61 36.72
N SER B 39 22.53 29.13 36.07
CA SER B 39 23.14 27.85 36.44
C SER B 39 23.65 27.74 37.88
N ASN B 40 24.40 28.75 38.37
CA ASN B 40 24.91 28.69 39.74
C ASN B 40 23.75 28.52 40.74
N ALA B 41 22.68 29.28 40.57
CA ALA B 41 21.55 29.18 41.49
C ALA B 41 20.91 27.77 41.49
N LEU B 42 20.69 27.21 40.31
CA LEU B 42 20.09 25.87 40.21
C LEU B 42 21.04 24.81 40.78
N GLN B 43 22.35 24.91 40.50
CA GLN B 43 23.31 23.94 41.04
C GLN B 43 23.40 24.02 42.56
N ARG B 44 23.37 25.24 43.12
CA ARG B 44 23.41 25.38 44.57
C ARG B 44 22.16 24.76 45.21
N ALA B 45 20.99 24.94 44.58
CA ALA B 45 19.74 24.36 45.10
C ALA B 45 19.82 22.84 45.14
N ILE B 46 20.24 22.25 44.01
CA ILE B 46 20.39 20.79 43.89
C ILE B 46 21.35 20.24 44.95
N ASN B 47 22.50 20.89 45.12
CA ASN B 47 23.49 20.45 46.11
C ASN B 47 22.96 20.50 47.54
N ALA B 48 22.27 21.57 47.91
CA ALA B 48 21.73 21.71 49.25
C ALA B 48 20.65 20.65 49.54
N ILE B 49 19.80 20.38 48.56
CA ILE B 49 18.75 19.37 48.77
C ILE B 49 19.35 17.97 48.91
N SER B 50 20.27 17.59 48.04
CA SER B 50 20.85 16.25 48.09
C SER B 50 21.67 15.96 49.35
N ARG B 51 22.06 17.01 50.06
CA ARG B 51 22.82 16.84 51.31
C ARG B 51 21.91 16.44 52.48
N LYS B 52 20.60 16.61 52.32
CA LYS B 52 19.66 16.23 53.38
C LYS B 52 19.44 14.72 53.26
N PRO B 53 19.42 14.00 54.38
CA PRO B 53 19.20 12.54 54.37
C PRO B 53 18.00 12.08 53.53
N ASN B 54 16.89 12.81 53.58
CA ASN B 54 15.71 12.40 52.80
C ASN B 54 15.38 13.30 51.58
N GLY B 55 16.35 14.12 51.17
CA GLY B 55 16.17 14.99 50.03
C GLY B 55 15.00 15.96 50.04
N GLY B 56 14.45 16.26 48.87
CA GLY B 56 13.33 17.19 48.79
C GLY B 56 12.91 17.63 47.39
N THR B 57 12.04 18.63 47.36
CA THR B 57 11.48 19.19 46.13
C THR B 57 11.95 20.62 45.84
N LEU B 58 12.21 20.91 44.56
CA LEU B 58 12.60 22.26 44.13
C LEU B 58 11.57 22.75 43.10
N LEU B 59 10.99 23.93 43.32
CA LEU B 59 10.04 24.50 42.36
C LEU B 59 10.71 25.59 41.53
N ILE B 60 10.52 25.51 40.21
CA ILE B 60 11.02 26.53 39.28
C ILE B 60 9.72 27.26 38.87
N PRO B 61 9.50 28.48 39.43
CA PRO B 61 8.30 29.30 39.15
C PRO B 61 8.28 29.98 37.77
N ASN B 62 7.10 30.41 37.34
CA ASN B 62 6.95 31.07 36.04
C ASN B 62 7.98 32.18 35.81
N GLY B 63 8.61 32.13 34.64
CA GLY B 63 9.63 33.08 34.24
C GLY B 63 10.47 32.45 33.14
N THR B 64 11.55 33.12 32.72
CA THR B 64 12.45 32.61 31.67
C THR B 64 13.85 32.44 32.28
N TYR B 65 14.39 31.22 32.21
CA TYR B 65 15.70 30.91 32.78
C TYR B 65 16.69 30.42 31.73
N HIS B 66 17.99 30.57 32.02
CA HIS B 66 19.08 30.13 31.15
C HIS B 66 19.94 29.15 31.93
N PHE B 67 20.07 27.91 31.45
CA PHE B 67 20.88 26.88 32.12
C PHE B 67 21.82 26.16 31.14
N LEU B 68 22.90 25.58 31.68
CA LEU B 68 23.84 24.77 30.89
C LEU B 68 24.77 23.96 31.79
N GLY B 69 24.99 22.70 31.43
CA GLY B 69 25.89 21.82 32.18
C GLY B 69 25.53 21.49 33.62
N ILE B 70 24.25 21.52 33.96
CA ILE B 70 23.80 21.21 35.32
C ILE B 70 24.02 19.74 35.70
N GLN B 71 24.52 19.51 36.92
CA GLN B 71 24.75 18.15 37.42
C GLN B 71 23.68 17.74 38.43
N MET B 72 22.78 16.82 38.04
CA MET B 72 21.73 16.36 38.97
C MET B 72 22.30 15.42 40.04
N LYS B 73 21.59 15.27 41.16
CA LYS B 73 22.04 14.43 42.27
C LYS B 73 20.90 13.62 42.91
N SER B 74 21.26 12.63 43.74
CA SER B 74 20.27 11.77 44.42
C SER B 74 19.25 12.48 45.31
N ASN B 75 18.03 11.93 45.31
CA ASN B 75 16.91 12.43 46.11
C ASN B 75 16.46 13.88 45.85
N VAL B 76 16.62 14.33 44.60
CA VAL B 76 16.20 15.67 44.19
C VAL B 76 14.99 15.55 43.23
N HIS B 77 13.91 16.28 43.54
CA HIS B 77 12.69 16.23 42.73
C HIS B 77 12.29 17.64 42.27
N ILE B 78 12.40 17.87 40.98
CA ILE B 78 12.11 19.19 40.40
C ILE B 78 10.75 19.31 39.73
N ARG B 79 10.01 20.38 40.05
CA ARG B 79 8.70 20.65 39.44
C ARG B 79 8.78 22.03 38.77
N VAL B 80 8.13 22.19 37.63
CA VAL B 80 8.20 23.44 36.86
C VAL B 80 6.82 23.98 36.49
N GLU B 81 6.54 25.25 36.82
CA GLU B 81 5.23 25.83 36.51
C GLU B 81 4.95 25.89 34.99
N SER B 82 3.67 25.91 34.65
CA SER B 82 3.18 25.87 33.27
C SER B 82 3.52 26.98 32.25
N ASP B 83 3.99 28.14 32.70
CA ASP B 83 4.35 29.21 31.79
C ASP B 83 5.85 29.46 31.80
N VAL B 84 6.60 28.47 32.27
CA VAL B 84 8.04 28.60 32.32
C VAL B 84 8.62 28.41 30.92
N ILE B 85 9.72 29.12 30.65
CA ILE B 85 10.45 29.02 29.38
C ILE B 85 11.91 28.80 29.78
N ILE B 86 12.53 27.74 29.27
CA ILE B 86 13.93 27.43 29.58
C ILE B 86 14.77 27.47 28.30
N LYS B 87 15.88 28.21 28.36
CA LYS B 87 16.78 28.35 27.22
C LYS B 87 18.21 27.99 27.62
N PRO B 88 19.02 27.53 26.64
CA PRO B 88 20.41 27.17 26.94
C PRO B 88 21.31 28.39 27.10
N THR B 89 22.20 28.34 28.08
CA THR B 89 23.16 29.44 28.30
C THR B 89 24.24 29.33 27.22
N TRP B 90 24.54 30.44 26.55
CA TRP B 90 25.56 30.44 25.50
C TRP B 90 26.96 30.10 26.04
N ASN B 91 27.62 29.16 25.36
CA ASN B 91 28.97 28.73 25.70
C ASN B 91 29.67 28.52 24.35
N GLY B 92 30.73 29.29 24.11
CA GLY B 92 31.41 29.18 22.82
C GLY B 92 32.68 28.35 22.72
N ASP B 93 32.85 27.34 23.57
CA ASP B 93 34.04 26.51 23.50
C ASP B 93 33.94 25.41 22.44
N GLY B 94 32.90 25.49 21.62
CA GLY B 94 32.70 24.51 20.57
C GLY B 94 32.44 23.05 20.91
N LYS B 95 32.37 22.69 22.19
CA LYS B 95 32.15 21.30 22.57
C LYS B 95 30.68 20.88 22.54
N ASN B 96 30.42 19.59 22.79
CA ASN B 96 29.05 19.09 22.81
C ASN B 96 28.44 19.44 24.16
N HIS B 97 27.31 20.13 24.15
CA HIS B 97 26.67 20.59 25.39
C HIS B 97 25.29 19.98 25.69
N ARG B 98 24.92 20.03 26.97
CA ARG B 98 23.62 19.54 27.45
C ARG B 98 23.09 20.51 28.51
N LEU B 99 21.77 20.66 28.58
CA LEU B 99 21.19 21.51 29.60
C LEU B 99 21.33 20.79 30.95
N PHE B 100 21.00 19.49 30.98
CA PHE B 100 21.04 18.69 32.22
C PHE B 100 21.73 17.33 32.04
N GLU B 101 22.54 16.91 33.02
CA GLU B 101 23.22 15.62 32.97
C GLU B 101 22.85 14.85 34.26
N VAL B 102 22.51 13.58 34.12
CA VAL B 102 22.07 12.76 35.26
C VAL B 102 22.83 11.43 35.35
N GLY B 103 23.79 11.35 36.27
CA GLY B 103 24.55 10.12 36.42
C GLY B 103 25.69 9.96 35.43
N VAL B 104 26.05 11.06 34.75
CA VAL B 104 27.17 11.01 33.80
C VAL B 104 28.51 11.04 34.55
N ASN B 105 28.63 11.94 35.54
CA ASN B 105 29.87 12.09 36.30
C ASN B 105 29.81 11.65 37.77
N ASN B 106 28.75 10.94 38.12
CA ASN B 106 28.57 10.44 39.49
C ASN B 106 27.44 9.43 39.48
N ILE B 107 26.98 9.05 40.66
CA ILE B 107 25.90 8.07 40.78
C ILE B 107 24.64 8.76 41.30
N VAL B 108 23.52 8.59 40.60
CA VAL B 108 22.24 9.21 41.01
C VAL B 108 21.15 8.16 41.25
N ARG B 109 20.42 8.28 42.36
CA ARG B 109 19.31 7.37 42.70
C ARG B 109 18.10 8.18 43.22
N ASN B 110 16.89 7.84 42.78
CA ASN B 110 15.65 8.50 43.21
C ASN B 110 15.58 9.97 42.77
N PHE B 111 15.25 10.18 41.50
CA PHE B 111 15.25 11.53 40.91
C PHE B 111 14.07 11.78 39.97
N SER B 112 13.54 13.00 39.93
CA SER B 112 12.44 13.32 39.00
C SER B 112 12.47 14.78 38.51
N PHE B 113 11.94 15.01 37.31
CA PHE B 113 11.90 16.36 36.69
C PHE B 113 10.58 16.36 35.91
N GLN B 114 9.57 17.09 36.41
CA GLN B 114 8.24 17.10 35.78
C GLN B 114 7.54 18.45 35.68
N GLY B 115 6.93 18.70 34.53
CA GLY B 115 6.20 19.96 34.36
C GLY B 115 4.80 19.86 34.90
N LEU B 116 4.27 20.97 35.43
CA LEU B 116 2.90 21.02 35.96
C LEU B 116 1.88 21.42 34.86
N GLY B 117 0.60 21.08 35.07
CA GLY B 117 -0.46 21.44 34.13
C GLY B 117 -0.28 20.96 32.71
N ASN B 118 -0.39 21.87 31.73
CA ASN B 118 -0.22 21.47 30.34
C ASN B 118 1.24 21.49 29.88
N GLY B 119 2.17 21.55 30.83
CA GLY B 119 3.59 21.51 30.49
C GLY B 119 4.27 22.83 30.22
N PHE B 120 5.61 22.83 30.24
CA PHE B 120 6.38 24.05 29.99
C PHE B 120 7.11 23.99 28.65
N LEU B 121 7.94 25.01 28.36
CA LEU B 121 8.67 25.09 27.09
C LEU B 121 10.19 25.16 27.17
N VAL B 122 10.86 24.35 26.35
CA VAL B 122 12.32 24.40 26.23
C VAL B 122 12.47 25.01 24.83
N ASP B 123 13.14 26.16 24.75
CA ASP B 123 13.25 26.90 23.49
C ASP B 123 14.67 27.04 22.94
N PHE B 124 14.92 26.45 21.77
CA PHE B 124 16.22 26.52 21.12
C PHE B 124 16.17 27.48 19.91
N LYS B 125 15.02 28.08 19.66
CA LYS B 125 14.87 28.96 18.49
C LYS B 125 15.75 30.20 18.41
N ASP B 126 16.36 30.60 19.53
CA ASP B 126 17.21 31.78 19.51
C ASP B 126 18.66 31.49 19.84
N SER B 127 19.03 30.21 19.85
CA SER B 127 20.39 29.80 20.17
C SER B 127 21.29 29.66 18.94
N ARG B 128 22.57 30.00 19.11
CA ARG B 128 23.56 29.89 18.04
C ARG B 128 24.31 28.56 18.23
N ASP B 129 23.94 27.79 19.25
CA ASP B 129 24.58 26.51 19.54
C ASP B 129 23.85 25.40 18.81
N LYS B 130 24.58 24.65 17.97
CA LYS B 130 23.97 23.55 17.21
C LYS B 130 24.17 22.18 17.88
N ASN B 131 25.10 22.09 18.80
CA ASN B 131 25.38 20.81 19.46
C ASN B 131 24.70 20.80 20.84
N LEU B 132 23.40 20.51 20.83
CA LEU B 132 22.59 20.53 22.06
C LEU B 132 21.64 19.37 22.31
N ALA B 133 21.63 18.91 23.56
CA ALA B 133 20.73 17.86 24.03
C ALA B 133 20.10 18.44 25.29
N VAL B 134 18.86 18.05 25.59
CA VAL B 134 18.17 18.54 26.78
C VAL B 134 18.65 17.75 28.01
N PHE B 135 18.58 16.42 27.92
CA PHE B 135 19.00 15.52 29.01
C PHE B 135 19.97 14.45 28.49
N LYS B 136 21.07 14.23 29.23
CA LYS B 136 21.98 13.13 28.89
C LYS B 136 21.97 12.24 30.17
N LEU B 137 21.56 10.99 30.03
CA LEU B 137 21.47 10.08 31.18
C LEU B 137 22.63 9.07 31.25
N GLY B 138 23.03 8.72 32.47
CA GLY B 138 24.10 7.75 32.69
C GLY B 138 23.74 6.73 33.77
N ASP B 139 24.50 6.74 34.86
CA ASP B 139 24.25 5.79 35.97
C ASP B 139 23.20 6.38 36.91
N VAL B 140 21.94 6.26 36.50
CA VAL B 140 20.80 6.74 37.28
C VAL B 140 19.72 5.65 37.34
N ARG B 141 19.15 5.42 38.53
CA ARG B 141 18.09 4.43 38.72
C ARG B 141 16.93 5.02 39.52
N ASN B 142 15.72 4.54 39.20
CA ASN B 142 14.46 4.98 39.82
C ASN B 142 14.24 6.46 39.51
N TYR B 143 13.85 6.75 38.27
CA TYR B 143 13.66 8.14 37.85
C TYR B 143 12.45 8.38 36.96
N LYS B 144 12.12 9.67 36.77
CA LYS B 144 10.97 10.06 35.93
C LYS B 144 11.20 11.46 35.33
N ILE B 145 10.98 11.58 34.01
CA ILE B 145 11.14 12.85 33.28
C ILE B 145 9.81 13.05 32.52
N SER B 146 9.17 14.21 32.69
CA SER B 146 7.84 14.37 32.08
C SER B 146 7.23 15.76 31.82
N ASN B 147 6.34 15.82 30.82
CA ASN B 147 5.51 17.00 30.50
C ASN B 147 6.08 18.36 30.08
N PHE B 148 6.54 18.45 28.82
CA PHE B 148 7.05 19.71 28.26
C PHE B 148 7.15 19.64 26.73
N THR B 149 7.34 20.80 26.10
CA THR B 149 7.46 20.89 24.65
C THR B 149 8.87 21.42 24.31
N ILE B 150 9.45 20.91 23.23
CA ILE B 150 10.80 21.34 22.81
C ILE B 150 10.70 22.03 21.43
N ASP B 151 10.99 23.32 21.37
CA ASP B 151 10.99 24.05 20.09
C ASP B 151 12.41 23.97 19.59
N ASP B 152 12.71 22.93 18.80
CA ASP B 152 14.05 22.68 18.27
C ASP B 152 14.37 23.66 17.13
N ASN B 153 15.62 23.63 16.69
CA ASN B 153 16.07 24.48 15.59
C ASN B 153 17.06 23.63 14.77
N LYS B 154 16.59 22.44 14.43
CA LYS B 154 17.39 21.47 13.67
C LYS B 154 18.80 21.29 14.20
N THR B 155 18.92 21.09 15.52
CA THR B 155 20.24 20.87 16.14
C THR B 155 20.70 19.41 15.97
N ILE B 156 21.99 19.18 16.20
CA ILE B 156 22.59 17.85 16.16
C ILE B 156 22.25 17.23 17.54
N PHE B 157 22.13 15.90 17.60
CA PHE B 157 21.82 15.14 18.84
C PHE B 157 20.32 15.02 19.17
N ALA B 158 19.88 13.83 19.56
CA ALA B 158 18.48 13.64 19.96
C ALA B 158 18.33 14.40 21.27
N SER B 159 17.11 14.78 21.64
CA SER B 159 16.90 15.56 22.86
C SER B 159 17.16 14.83 24.19
N ILE B 160 16.84 13.54 24.24
CA ILE B 160 17.04 12.74 25.43
C ILE B 160 17.92 11.53 25.10
N LEU B 161 19.15 11.56 25.61
CA LEU B 161 20.14 10.51 25.37
C LEU B 161 20.17 9.50 26.53
N VAL B 162 19.60 8.33 26.29
CA VAL B 162 19.55 7.27 27.30
C VAL B 162 20.86 6.52 27.05
N ASP B 163 21.94 7.12 27.56
CA ASP B 163 23.34 6.69 27.36
C ASP B 163 24.06 5.84 28.41
N VAL B 164 25.35 5.59 28.13
CA VAL B 164 26.24 4.82 28.99
C VAL B 164 27.39 5.68 29.51
N THR B 165 28.04 5.26 30.59
CA THR B 165 29.16 6.00 31.16
C THR B 165 30.17 5.02 31.77
N GLU B 166 31.46 5.35 31.71
CA GLU B 166 32.52 4.47 32.24
C GLU B 166 32.94 4.74 33.68
N ARG B 167 33.14 3.66 34.44
CA ARG B 167 33.60 3.73 35.82
C ARG B 167 34.16 2.38 36.28
N ASN B 168 35.35 2.41 36.88
CA ASN B 168 36.04 1.21 37.36
C ASN B 168 36.29 0.15 36.28
N GLY B 169 36.59 0.58 35.06
CA GLY B 169 36.87 -0.38 33.98
C GLY B 169 35.73 -0.92 33.13
N ARG B 170 34.48 -0.58 33.45
CA ARG B 170 33.34 -1.05 32.66
C ARG B 170 32.26 0.02 32.50
N LEU B 171 31.22 -0.27 31.71
CA LEU B 171 30.15 0.69 31.47
C LEU B 171 28.96 0.56 32.44
N HIS B 172 28.22 1.67 32.59
CA HIS B 172 27.04 1.73 33.48
C HIS B 172 25.96 2.55 32.76
N TRP B 173 24.67 2.27 33.02
CA TRP B 173 23.58 2.99 32.34
C TRP B 173 22.30 3.01 33.18
N SER B 174 21.22 3.61 32.67
CA SER B 174 19.99 3.74 33.45
C SER B 174 19.04 2.54 33.54
N ARG B 175 18.35 2.45 34.68
CA ARG B 175 17.41 1.36 34.95
C ARG B 175 16.25 1.86 35.80
N ASN B 176 15.06 1.29 35.58
CA ASN B 176 13.86 1.63 36.32
C ASN B 176 13.46 3.10 36.15
N GLY B 177 12.77 3.41 35.06
CA GLY B 177 12.37 4.78 34.81
C GLY B 177 11.18 4.96 33.86
N ILE B 178 10.67 6.19 33.83
CA ILE B 178 9.53 6.58 32.97
C ILE B 178 9.86 7.92 32.29
N ILE B 179 9.73 7.96 30.96
CA ILE B 179 9.96 9.18 30.16
C ILE B 179 8.66 9.36 29.35
N GLU B 180 7.91 10.43 29.64
CA GLU B 180 6.59 10.65 29.03
C GLU B 180 6.15 12.08 28.74
N ARG B 181 5.07 12.20 27.98
CA ARG B 181 4.43 13.47 27.65
C ARG B 181 5.34 14.59 27.18
N ILE B 182 6.01 14.37 26.04
CA ILE B 182 6.91 15.35 25.45
C ILE B 182 6.59 15.49 23.95
N LYS B 183 6.52 16.74 23.47
CA LYS B 183 6.27 17.04 22.06
C LYS B 183 7.52 17.80 21.56
N GLN B 184 8.03 17.45 20.39
CA GLN B 184 9.20 18.13 19.82
C GLN B 184 8.86 18.67 18.43
N ASN B 185 9.13 19.96 18.21
CA ASN B 185 8.87 20.62 16.93
C ASN B 185 10.17 20.92 16.17
N ASN B 186 10.13 20.78 14.85
CA ASN B 186 11.27 21.06 13.97
C ASN B 186 12.61 20.37 14.25
N ALA B 187 12.58 19.04 14.33
CA ALA B 187 13.78 18.24 14.56
C ALA B 187 14.53 17.97 13.25
N LEU B 188 15.84 17.77 13.33
CA LEU B 188 16.68 17.45 12.17
C LEU B 188 16.46 15.96 11.83
N PHE B 189 16.42 15.62 10.54
CA PHE B 189 16.17 14.24 10.11
C PHE B 189 16.98 13.11 10.75
N GLY B 190 18.26 13.36 11.05
CA GLY B 190 19.09 12.31 11.62
C GLY B 190 18.95 12.12 13.13
N TYR B 191 18.03 12.87 13.75
CA TYR B 191 17.85 12.77 15.19
C TYR B 191 16.39 12.67 15.62
N GLY B 192 15.98 13.45 16.60
CA GLY B 192 14.60 13.38 17.06
C GLY B 192 14.44 13.46 18.58
N LEU B 193 13.35 12.91 19.11
CA LEU B 193 13.07 12.99 20.55
C LEU B 193 13.95 12.11 21.44
N ILE B 194 13.86 10.79 21.26
CA ILE B 194 14.65 9.84 22.07
C ILE B 194 15.63 9.00 21.23
N GLN B 195 16.84 8.76 21.76
CA GLN B 195 17.76 7.79 21.13
C GLN B 195 18.29 6.95 22.31
N THR B 196 18.10 5.63 22.24
CA THR B 196 18.51 4.72 23.32
C THR B 196 19.80 3.95 23.05
N TYR B 197 20.73 3.97 24.00
CA TYR B 197 22.02 3.24 23.89
C TYR B 197 22.12 2.10 24.92
N GLY B 198 21.90 2.42 26.19
CA GLY B 198 21.93 1.42 27.27
C GLY B 198 20.70 1.65 28.15
N ALA B 199 19.89 0.62 28.39
CA ALA B 199 18.68 0.80 29.20
C ALA B 199 18.04 -0.53 29.64
N ASP B 200 17.54 -0.57 30.88
CA ASP B 200 16.87 -1.74 31.46
C ASP B 200 15.59 -1.30 32.18
N ASN B 201 14.46 -1.92 31.84
CA ASN B 201 13.17 -1.63 32.49
C ASN B 201 12.77 -0.14 32.45
N ILE B 202 12.54 0.38 31.24
CA ILE B 202 12.12 1.78 31.05
C ILE B 202 10.79 1.82 30.29
N LEU B 203 9.92 2.76 30.65
CA LEU B 203 8.62 2.95 29.97
C LEU B 203 8.63 4.31 29.23
N PHE B 204 8.34 4.29 27.93
CA PHE B 204 8.28 5.50 27.08
C PHE B 204 6.79 5.68 26.73
N ARG B 205 6.21 6.86 27.03
CA ARG B 205 4.78 7.06 26.84
C ARG B 205 4.35 8.46 26.33
N ASN B 206 3.36 8.52 25.44
CA ASN B 206 2.84 9.80 24.91
C ASN B 206 3.96 10.72 24.41
N LEU B 207 4.68 10.29 23.38
CA LEU B 207 5.80 11.05 22.81
C LEU B 207 5.48 11.36 21.33
N HIS B 208 5.81 12.58 20.90
CA HIS B 208 5.54 13.01 19.51
C HIS B 208 6.67 13.90 18.98
N SER B 209 7.25 13.53 17.84
CA SER B 209 8.32 14.31 17.23
C SER B 209 7.98 14.70 15.79
N GLU B 210 8.12 15.99 15.48
CA GLU B 210 7.90 16.51 14.14
C GLU B 210 9.28 16.50 13.49
N GLY B 211 9.46 15.65 12.48
CA GLY B 211 10.75 15.54 11.84
C GLY B 211 11.55 14.44 12.53
N GLY B 212 12.45 13.78 11.80
CA GLY B 212 13.25 12.71 12.41
C GLY B 212 12.48 11.52 12.97
N ILE B 213 12.95 10.95 14.09
CA ILE B 213 12.32 9.79 14.72
C ILE B 213 11.97 10.02 16.20
N ALA B 214 10.74 9.69 16.59
CA ALA B 214 10.31 9.88 17.98
C ALA B 214 11.02 8.94 18.97
N LEU B 215 10.91 7.62 18.77
CA LEU B 215 11.58 6.64 19.64
C LEU B 215 12.57 5.84 18.77
N ARG B 216 13.81 6.33 18.71
CA ARG B 216 14.89 5.74 17.90
C ARG B 216 15.73 4.75 18.71
N MET B 217 15.44 3.45 18.59
CA MET B 217 16.19 2.43 19.31
C MET B 217 17.35 1.93 18.43
N GLU B 218 18.29 2.84 18.18
CA GLU B 218 19.49 2.61 17.36
C GLU B 218 20.69 2.63 18.32
N THR B 219 21.08 1.43 18.74
CA THR B 219 22.14 1.21 19.73
C THR B 219 23.55 1.18 19.11
N ASP B 220 24.06 2.36 18.75
CA ASP B 220 25.35 2.45 18.07
C ASP B 220 26.51 3.18 18.72
N ASN B 221 26.39 3.52 20.00
CA ASN B 221 27.47 4.21 20.71
C ASN B 221 28.71 3.30 20.67
N LEU B 222 29.79 3.80 20.09
CA LEU B 222 31.02 3.02 19.94
C LEU B 222 31.64 2.49 21.24
N LEU B 223 31.50 3.24 22.33
CA LEU B 223 32.04 2.80 23.62
C LEU B 223 31.52 1.41 23.94
N MET B 224 30.27 1.15 23.58
CA MET B 224 29.64 -0.14 23.84
C MET B 224 30.30 -1.25 23.02
N LYS B 225 30.81 -0.87 21.86
CA LYS B 225 31.48 -1.82 20.98
C LYS B 225 32.80 -2.28 21.62
N ASN B 226 33.57 -1.31 22.13
CA ASN B 226 34.85 -1.61 22.77
C ASN B 226 34.71 -2.47 24.01
N TYR B 227 33.79 -2.05 24.89
CA TYR B 227 33.55 -2.76 26.14
C TYR B 227 32.61 -3.95 26.01
N LYS B 228 31.90 -4.04 24.89
CA LYS B 228 30.94 -5.14 24.69
C LYS B 228 29.93 -5.13 25.85
N GLN B 229 29.41 -3.94 26.13
CA GLN B 229 28.45 -3.74 27.22
C GLN B 229 27.46 -2.64 26.79
N GLY B 230 26.22 -2.71 27.28
CA GLY B 230 25.21 -1.73 26.92
C GLY B 230 23.98 -2.43 26.36
N GLY B 231 23.29 -1.79 25.41
CA GLY B 231 22.09 -2.39 24.83
C GLY B 231 20.84 -2.20 25.67
N ILE B 232 19.66 -2.48 25.10
CA ILE B 232 18.39 -2.31 25.84
C ILE B 232 17.60 -3.60 25.99
N ARG B 233 16.96 -3.74 27.15
CA ARG B 233 16.19 -4.96 27.48
C ARG B 233 14.96 -4.60 28.32
N ASN B 234 13.88 -5.35 28.13
CA ASN B 234 12.64 -5.15 28.89
C ASN B 234 12.09 -3.74 28.79
N ILE B 235 11.89 -3.30 27.55
CA ILE B 235 11.39 -1.96 27.25
C ILE B 235 9.90 -1.98 26.84
N PHE B 236 9.14 -1.01 27.36
CA PHE B 236 7.71 -0.87 27.05
C PHE B 236 7.42 0.56 26.54
N ALA B 237 6.51 0.67 25.57
CA ALA B 237 6.13 1.97 25.00
C ALA B 237 4.66 2.02 24.56
N ASP B 238 4.03 3.20 24.72
CA ASP B 238 2.62 3.38 24.34
C ASP B 238 2.36 4.80 23.83
N ASN B 239 1.55 4.92 22.76
CA ASN B 239 1.17 6.21 22.15
C ASN B 239 2.40 7.03 21.73
N ILE B 240 3.07 6.55 20.68
CA ILE B 240 4.27 7.16 20.11
C ILE B 240 3.84 7.66 18.72
N ARG B 241 4.11 8.94 18.43
CA ARG B 241 3.69 9.55 17.17
C ARG B 241 4.77 10.30 16.36
N CYS B 242 4.56 10.36 15.04
CA CYS B 242 5.46 11.04 14.10
C CYS B 242 4.63 11.93 13.15
N SER B 243 5.22 13.05 12.73
CA SER B 243 4.57 13.93 11.74
C SER B 243 5.71 14.57 10.95
N LYS B 244 5.59 14.54 9.61
CA LYS B 244 6.60 15.10 8.72
C LYS B 244 8.03 14.63 9.00
N GLY B 245 8.19 13.32 9.24
CA GLY B 245 9.50 12.79 9.55
C GLY B 245 9.80 11.41 8.98
N LEU B 246 10.78 10.72 9.57
CA LEU B 246 11.17 9.39 9.10
C LEU B 246 10.26 8.27 9.58
N ALA B 247 10.06 8.17 10.89
CA ALA B 247 9.21 7.13 11.48
C ALA B 247 8.89 7.47 12.94
N ALA B 248 7.85 6.83 13.49
CA ALA B 248 7.48 7.05 14.88
C ALA B 248 8.32 6.14 15.79
N VAL B 249 8.45 4.88 15.38
CA VAL B 249 9.19 3.85 16.13
C VAL B 249 10.20 3.17 15.20
N MET B 250 11.46 3.10 15.63
CA MET B 250 12.52 2.52 14.82
C MET B 250 13.52 1.59 15.53
N PHE B 251 13.77 0.42 14.94
CA PHE B 251 14.72 -0.56 15.46
C PHE B 251 15.95 -0.64 14.54
N GLY B 252 17.14 -0.51 15.13
CA GLY B 252 18.40 -0.59 14.39
C GLY B 252 19.50 -0.97 15.37
N PRO B 253 19.72 -2.28 15.61
CA PRO B 253 20.72 -2.80 16.55
C PRO B 253 22.21 -2.63 16.23
N HIS B 254 22.54 -2.39 14.96
CA HIS B 254 23.92 -2.26 14.55
C HIS B 254 24.70 -3.53 14.95
N PHE B 255 25.66 -3.39 15.86
CA PHE B 255 26.48 -4.53 16.32
C PHE B 255 26.07 -5.16 17.67
N MET B 256 25.09 -4.54 18.33
CA MET B 256 24.64 -4.96 19.67
C MET B 256 23.52 -6.01 19.81
N LYS B 257 23.64 -6.87 20.80
CA LYS B 257 22.61 -7.88 21.06
C LYS B 257 21.65 -7.35 22.13
N ASN B 258 20.47 -6.93 21.70
CA ASN B 258 19.45 -6.38 22.60
C ASN B 258 18.42 -7.41 23.03
N GLY B 259 17.54 -7.02 23.97
CA GLY B 259 16.51 -7.91 24.47
C GLY B 259 15.09 -7.68 23.94
N ASP B 260 14.09 -7.89 24.81
CA ASP B 260 12.68 -7.77 24.43
C ASP B 260 12.06 -6.36 24.51
N VAL B 261 11.13 -6.09 23.60
CA VAL B 261 10.42 -4.80 23.52
C VAL B 261 8.94 -4.98 23.12
N GLN B 262 8.04 -4.25 23.78
CA GLN B 262 6.59 -4.25 23.44
C GLN B 262 6.13 -2.81 23.20
N VAL B 263 5.43 -2.59 22.08
CA VAL B 263 4.94 -1.25 21.72
C VAL B 263 3.43 -1.27 21.37
N THR B 264 2.65 -0.33 21.91
CA THR B 264 1.21 -0.27 21.60
C THR B 264 0.80 1.13 21.13
N ASN B 265 -0.17 1.21 20.20
CA ASN B 265 -0.68 2.51 19.74
C ASN B 265 0.35 3.44 19.05
N VAL B 266 0.72 3.09 17.82
CA VAL B 266 1.68 3.86 17.05
C VAL B 266 0.97 4.56 15.90
N SER B 267 1.23 5.86 15.70
CA SER B 267 0.56 6.58 14.62
C SER B 267 1.47 7.57 13.93
N SER B 268 1.15 7.89 12.68
CA SER B 268 1.95 8.84 11.92
C SER B 268 1.13 9.64 10.91
N VAL B 269 1.62 10.82 10.54
CA VAL B 269 0.96 11.65 9.54
C VAL B 269 2.06 12.24 8.68
N SER B 270 2.07 11.85 7.40
CA SER B 270 3.06 12.33 6.45
C SER B 270 4.51 11.98 6.83
N CYS B 271 4.74 10.72 7.22
CA CYS B 271 6.09 10.25 7.57
C CYS B 271 6.49 9.14 6.57
N GLY B 272 7.77 8.76 6.52
CA GLY B 272 8.17 7.70 5.62
C GLY B 272 7.32 6.47 5.85
N SER B 273 7.20 6.07 7.12
CA SER B 273 6.39 4.94 7.56
C SER B 273 6.15 5.12 9.06
N ALA B 274 5.19 4.40 9.63
CA ALA B 274 4.92 4.50 11.05
C ALA B 274 5.97 3.71 11.85
N VAL B 275 6.34 2.54 11.33
CA VAL B 275 7.32 1.66 11.97
C VAL B 275 8.42 1.30 10.95
N ARG B 276 9.68 1.27 11.41
CA ARG B 276 10.82 0.92 10.56
C ARG B 276 11.80 0.01 11.33
N SER B 277 12.23 -1.08 10.71
CA SER B 277 13.18 -2.01 11.33
C SER B 277 14.35 -2.28 10.36
N ASP B 278 15.58 -2.05 10.82
CA ASP B 278 16.78 -2.26 10.01
C ASP B 278 17.54 -3.54 10.37
N SER B 279 18.26 -4.08 9.41
CA SER B 279 19.07 -5.28 9.65
C SER B 279 20.29 -4.93 10.53
N GLY B 280 20.76 -5.90 11.31
CA GLY B 280 21.96 -5.68 12.09
C GLY B 280 23.12 -5.76 11.10
N PHE B 281 24.33 -5.33 11.49
CA PHE B 281 25.49 -5.41 10.59
C PHE B 281 26.84 -5.21 11.28
N VAL B 282 27.88 -5.65 10.59
CA VAL B 282 29.25 -5.56 11.08
C VAL B 282 30.06 -4.56 10.27
N GLU B 283 30.77 -3.69 10.96
CA GLU B 283 31.61 -2.68 10.31
C GLU B 283 33.04 -2.79 10.86
N LEU B 284 34.03 -2.79 9.98
CA LEU B 284 35.43 -2.90 10.40
C LEU B 284 36.18 -1.60 10.15
N PHE B 285 36.93 -1.14 11.17
CA PHE B 285 37.69 0.09 11.09
C PHE B 285 39.20 -0.10 10.88
N SER B 286 39.80 0.82 10.11
CA SER B 286 41.23 0.77 9.79
C SER B 286 42.14 1.13 10.96
N PRO B 287 43.35 0.56 11.00
CA PRO B 287 44.30 0.86 12.08
C PRO B 287 44.66 2.35 12.02
N THR B 288 44.56 3.03 13.15
CA THR B 288 44.85 4.46 13.21
C THR B 288 46.18 4.86 12.58
N ASP B 289 47.26 4.33 13.14
CA ASP B 289 48.62 4.62 12.67
C ASP B 289 48.90 4.15 11.24
N GLU B 290 47.92 3.55 10.59
CA GLU B 290 48.13 3.06 9.24
C GLU B 290 47.67 3.98 8.13
N VAL B 291 48.38 3.89 7.00
CA VAL B 291 48.08 4.69 5.82
C VAL B 291 47.26 3.83 4.88
N HIS B 292 46.00 4.18 4.69
CA HIS B 292 45.14 3.41 3.82
C HIS B 292 44.37 4.22 2.79
N THR B 293 43.86 3.52 1.79
CA THR B 293 43.07 4.11 0.71
C THR B 293 41.68 3.51 0.82
N ARG B 294 40.83 3.82 -0.15
CA ARG B 294 39.47 3.29 -0.22
C ARG B 294 39.59 1.86 -0.72
N GLN B 295 40.27 1.70 -1.85
CA GLN B 295 40.50 0.39 -2.47
C GLN B 295 41.33 -0.49 -1.55
N SER B 296 42.30 0.13 -0.88
CA SER B 296 43.21 -0.55 0.03
C SER B 296 42.53 -1.30 1.17
N TRP B 297 41.80 -0.58 2.01
CA TRP B 297 41.12 -1.19 3.15
C TRP B 297 40.19 -2.31 2.72
N LYS B 298 39.46 -2.12 1.62
CA LYS B 298 38.56 -3.15 1.14
C LYS B 298 39.31 -4.45 0.85
N GLN B 299 40.47 -4.34 0.21
CA GLN B 299 41.30 -5.51 -0.10
C GLN B 299 41.84 -6.17 1.16
N ALA B 300 42.22 -5.35 2.14
CA ALA B 300 42.76 -5.88 3.41
C ALA B 300 41.70 -6.71 4.16
N VAL B 301 40.45 -6.27 4.07
CA VAL B 301 39.36 -6.99 4.71
C VAL B 301 39.12 -8.31 3.99
N GLU B 302 38.95 -8.25 2.67
CA GLU B 302 38.71 -9.45 1.88
C GLU B 302 39.85 -10.46 2.03
N SER B 303 41.07 -9.98 2.19
CA SER B 303 42.22 -10.86 2.35
C SER B 303 42.18 -11.60 3.69
N LYS B 304 41.10 -11.43 4.43
CA LYS B 304 40.98 -12.11 5.72
C LYS B 304 39.61 -12.78 5.86
N LEU B 305 38.62 -12.30 5.11
CA LEU B 305 37.27 -12.87 5.16
C LEU B 305 36.93 -13.62 3.88
N GLY B 306 37.41 -13.12 2.74
CA GLY B 306 37.13 -13.75 1.47
C GLY B 306 36.73 -12.75 0.39
N ARG B 307 36.86 -13.15 -0.88
CA ARG B 307 36.50 -12.27 -1.99
C ARG B 307 35.00 -12.01 -2.02
N GLY B 308 34.64 -10.75 -2.23
CA GLY B 308 33.24 -10.37 -2.29
C GLY B 308 32.58 -10.24 -0.93
N CYS B 309 33.40 -10.28 0.13
CA CYS B 309 32.89 -10.17 1.50
C CYS B 309 32.96 -8.77 2.08
N ALA B 310 33.46 -7.81 1.31
CA ALA B 310 33.57 -6.43 1.79
C ALA B 310 32.83 -5.45 0.90
N GLN B 311 32.11 -4.52 1.51
CA GLN B 311 31.38 -3.50 0.78
C GLN B 311 32.30 -2.34 0.51
N THR B 312 31.86 -1.44 -0.36
CA THR B 312 32.64 -0.26 -0.70
C THR B 312 32.87 0.58 0.54
N PRO B 313 34.13 0.68 1.00
CA PRO B 313 34.47 1.47 2.20
C PRO B 313 34.03 2.92 2.03
N TYR B 314 33.80 3.60 3.15
CA TYR B 314 33.41 5.00 3.11
C TYR B 314 34.17 5.77 4.18
N ALA B 315 34.06 7.09 4.16
CA ALA B 315 34.77 7.92 5.12
C ALA B 315 34.13 7.83 6.51
N TRP B 323 39.36 4.82 7.89
CA TRP B 323 38.31 4.26 7.04
C TRP B 323 37.50 3.19 7.78
N ALA B 324 36.45 2.72 7.13
CA ALA B 324 35.58 1.70 7.67
C ALA B 324 34.83 0.98 6.56
N ALA B 325 34.71 -0.33 6.68
CA ALA B 325 34.05 -1.15 5.69
C ALA B 325 33.01 -2.08 6.32
N ARG B 326 31.88 -2.20 5.63
CA ARG B 326 30.76 -3.02 6.08
C ARG B 326 30.80 -4.42 5.44
N VAL B 327 30.68 -5.45 6.27
CA VAL B 327 30.68 -6.84 5.80
C VAL B 327 29.44 -7.18 4.99
N THR B 328 29.63 -7.84 3.85
CA THR B 328 28.52 -8.22 2.97
C THR B 328 27.50 -9.12 3.66
N GLN B 329 26.21 -8.85 3.42
CA GLN B 329 25.14 -9.63 4.03
C GLN B 329 24.97 -11.02 3.42
N LYS B 330 25.88 -11.91 3.79
CA LYS B 330 25.88 -13.29 3.33
C LYS B 330 26.43 -14.10 4.50
N ASP B 331 25.68 -15.11 4.93
CA ASP B 331 26.08 -15.92 6.07
C ASP B 331 27.51 -16.47 6.03
N ALA B 332 28.01 -16.77 4.84
CA ALA B 332 29.37 -17.28 4.70
C ALA B 332 30.37 -16.22 5.17
N CYS B 333 30.19 -14.99 4.68
CA CYS B 333 31.07 -13.89 5.03
C CYS B 333 30.98 -13.49 6.50
N LEU B 334 29.77 -13.54 7.05
CA LEU B 334 29.54 -13.17 8.45
C LEU B 334 30.13 -14.18 9.44
N ASP B 335 30.04 -15.47 9.13
CA ASP B 335 30.61 -16.49 10.01
C ASP B 335 32.12 -16.26 10.12
N LYS B 336 32.75 -15.87 9.01
CA LYS B 336 34.18 -15.64 8.97
C LYS B 336 34.60 -14.41 9.79
N ALA B 337 33.73 -13.40 9.80
CA ALA B 337 34.00 -12.18 10.54
C ALA B 337 33.96 -12.45 12.05
N LYS B 338 33.10 -13.38 12.45
CA LYS B 338 32.97 -13.73 13.87
C LYS B 338 34.23 -14.46 14.34
N LEU B 339 34.62 -15.48 13.58
CA LEU B 339 35.82 -16.26 13.91
C LEU B 339 37.07 -15.41 13.99
N GLU B 340 37.19 -14.42 13.10
CA GLU B 340 38.36 -13.56 13.06
C GLU B 340 38.32 -12.31 13.95
N TYR B 341 37.17 -11.65 14.05
CA TYR B 341 37.09 -10.45 14.86
C TYR B 341 36.28 -10.58 16.16
N GLY B 342 35.59 -11.70 16.32
CA GLY B 342 34.77 -11.85 17.53
C GLY B 342 33.62 -10.84 17.48
N ILE B 343 33.06 -10.63 16.30
CA ILE B 343 32.00 -9.65 16.09
C ILE B 343 30.87 -10.22 15.18
N GLU B 344 29.60 -9.86 15.39
CA GLU B 344 28.55 -10.39 14.51
C GLU B 344 27.41 -9.39 14.48
N PRO B 345 26.48 -9.52 13.51
CA PRO B 345 25.36 -8.54 13.46
C PRO B 345 24.52 -8.52 14.73
N GLY B 346 24.12 -7.33 15.15
CA GLY B 346 23.30 -7.19 16.34
C GLY B 346 21.88 -7.64 16.09
N SER B 347 21.05 -7.59 17.13
CA SER B 347 19.66 -8.01 16.98
C SER B 347 18.82 -7.62 18.19
N PHE B 348 17.55 -7.98 18.15
CA PHE B 348 16.62 -7.76 19.26
C PHE B 348 16.02 -9.16 19.51
N GLY B 349 15.41 -9.36 20.68
CA GLY B 349 14.81 -10.64 21.02
C GLY B 349 13.35 -10.72 20.57
N THR B 350 12.42 -10.83 21.52
CA THR B 350 11.00 -10.88 21.18
C THR B 350 10.48 -9.45 21.05
N VAL B 351 10.01 -9.07 19.87
CA VAL B 351 9.48 -7.73 19.65
C VAL B 351 8.07 -7.75 19.05
N LYS B 352 7.12 -7.09 19.73
CA LYS B 352 5.73 -7.01 19.23
C LYS B 352 5.16 -5.59 19.28
N VAL B 353 4.49 -5.20 18.18
CA VAL B 353 3.88 -3.86 18.04
C VAL B 353 2.39 -3.98 17.67
N PHE B 354 1.50 -3.51 18.55
CA PHE B 354 0.04 -3.57 18.36
C PHE B 354 -0.64 -2.23 18.03
N ASP B 355 -1.54 -2.24 17.04
CA ASP B 355 -2.30 -1.05 16.60
C ASP B 355 -1.46 0.06 15.99
N VAL B 356 -1.29 -0.02 14.66
CA VAL B 356 -0.51 0.94 13.88
C VAL B 356 -1.40 1.68 12.85
N THR B 357 -1.32 3.02 12.82
CA THR B 357 -2.11 3.83 11.88
C THR B 357 -1.24 4.85 11.15
N ALA B 358 -1.18 4.76 9.82
CA ALA B 358 -0.39 5.70 9.02
C ALA B 358 -1.26 6.52 8.05
N ARG B 359 -1.19 7.85 8.16
CA ARG B 359 -1.94 8.76 7.30
C ARG B 359 -0.99 9.37 6.26
N PHE B 360 -1.39 9.30 4.99
CA PHE B 360 -0.57 9.81 3.87
C PHE B 360 -0.37 11.33 3.86
N GLY B 361 0.77 11.77 3.30
CA GLY B 361 1.09 13.18 3.21
C GLY B 361 2.23 13.40 2.21
N TYR B 362 2.48 14.65 1.80
CA TYR B 362 3.54 14.97 0.84
C TYR B 362 4.81 15.59 1.45
N ASN B 363 4.90 15.65 2.78
CA ASN B 363 6.08 16.22 3.44
C ASN B 363 6.84 15.30 4.41
N ALA B 364 7.18 14.10 3.98
CA ALA B 364 7.91 13.17 4.84
C ALA B 364 9.42 13.28 4.60
N ASP B 365 10.22 12.93 5.62
CA ASP B 365 11.67 12.92 5.47
C ASP B 365 11.91 11.59 4.73
N LEU B 366 12.77 11.60 3.71
CA LEU B 366 13.02 10.38 2.95
C LEU B 366 14.53 10.19 2.73
N LYS B 367 14.94 8.94 2.56
CA LYS B 367 16.34 8.65 2.30
C LYS B 367 16.42 8.40 0.78
N GLN B 368 17.61 8.57 0.21
CA GLN B 368 17.78 8.38 -1.22
C GLN B 368 17.52 6.93 -1.67
N ASP B 369 17.74 5.99 -0.77
CA ASP B 369 17.54 4.57 -1.08
C ASP B 369 16.08 4.12 -0.95
N GLN B 370 15.15 5.06 -0.79
CA GLN B 370 13.74 4.71 -0.64
C GLN B 370 12.92 5.33 -1.79
N LEU B 371 13.58 6.14 -2.60
CA LEU B 371 12.92 6.80 -3.71
C LEU B 371 12.40 5.86 -4.81
N ASP B 372 12.95 4.65 -4.91
CA ASP B 372 12.51 3.72 -5.96
C ASP B 372 11.21 2.98 -5.61
N TYR B 373 10.70 3.18 -4.40
CA TYR B 373 9.47 2.52 -4.00
C TYR B 373 8.25 3.34 -4.41
N PHE B 374 8.51 4.26 -5.33
CA PHE B 374 7.47 5.11 -5.91
C PHE B 374 7.11 4.49 -7.27
N SER B 375 7.92 3.54 -7.72
CA SER B 375 7.72 2.90 -9.03
C SER B 375 6.30 2.40 -9.29
N THR B 376 5.66 1.82 -8.27
CA THR B 376 4.32 1.28 -8.44
C THR B 376 3.18 2.30 -8.41
N SER B 377 3.28 3.31 -7.55
CA SER B 377 2.22 4.30 -7.43
C SER B 377 2.49 5.67 -8.01
N ASN B 378 3.76 6.06 -8.04
CA ASN B 378 4.12 7.38 -8.54
C ASN B 378 5.42 7.34 -9.32
N PRO B 379 5.40 6.71 -10.51
CA PRO B 379 6.57 6.59 -11.40
C PRO B 379 7.10 7.93 -11.91
N MET B 380 6.26 8.96 -11.84
CA MET B 380 6.64 10.29 -12.28
C MET B 380 7.19 11.16 -11.14
N CYS B 381 7.53 10.50 -10.03
CA CYS B 381 8.09 11.19 -8.87
C CYS B 381 7.52 12.61 -8.70
N LYS B 382 6.28 12.72 -8.23
CA LYS B 382 5.65 14.02 -8.03
C LYS B 382 5.58 14.49 -6.58
N ARG B 383 5.96 15.76 -6.35
CA ARG B 383 5.95 16.42 -5.03
C ARG B 383 7.23 16.32 -4.21
N VAL B 384 8.32 15.86 -4.81
CA VAL B 384 9.60 15.72 -4.11
C VAL B 384 10.52 16.94 -4.26
N CYS B 385 11.20 17.32 -3.18
CA CYS B 385 12.13 18.46 -3.23
C CYS B 385 13.43 18.12 -2.51
N LEU B 386 14.52 18.71 -2.99
CA LEU B 386 15.86 18.49 -2.42
C LEU B 386 16.34 19.74 -1.68
N PRO B 387 16.67 19.58 -0.38
CA PRO B 387 17.15 20.70 0.44
C PRO B 387 18.37 21.39 -0.16
N THR B 388 18.41 22.72 -0.07
CA THR B 388 19.52 23.50 -0.59
C THR B 388 20.76 23.35 0.28
N LYS B 389 21.93 23.57 -0.31
CA LYS B 389 23.19 23.45 0.42
C LYS B 389 23.16 24.33 1.68
N GLU B 390 22.41 25.43 1.60
CA GLU B 390 22.29 26.35 2.74
C GLU B 390 21.54 25.66 3.88
N GLN B 391 20.73 24.66 3.52
CA GLN B 391 19.93 23.91 4.48
C GLN B 391 20.68 22.68 5.03
N TRP B 392 21.43 22.01 4.16
CA TRP B 392 22.20 20.84 4.57
C TRP B 392 23.32 20.66 3.55
N SER B 393 24.52 21.09 3.92
CA SER B 393 25.69 21.03 3.05
C SER B 393 25.96 19.68 2.40
N LYS B 394 25.34 18.62 2.91
CA LYS B 394 25.53 17.28 2.33
C LYS B 394 24.32 16.81 1.54
N GLN B 395 24.12 17.39 0.36
CA GLN B 395 23.01 17.04 -0.51
C GLN B 395 22.98 15.56 -0.85
N GLY B 396 21.82 14.95 -0.66
CA GLY B 396 21.67 13.53 -0.93
C GLY B 396 21.29 12.72 0.30
N GLN B 397 21.69 13.21 1.48
CA GLN B 397 21.39 12.51 2.73
C GLN B 397 19.93 12.56 3.13
N ILE B 398 19.22 13.57 2.65
CA ILE B 398 17.80 13.75 2.97
C ILE B 398 16.99 14.36 1.82
N TYR B 399 15.74 13.92 1.69
CA TYR B 399 14.81 14.41 0.67
C TYR B 399 13.48 14.59 1.37
N ILE B 400 12.61 15.42 0.80
CA ILE B 400 11.28 15.61 1.37
C ILE B 400 10.29 15.22 0.28
N GLY B 401 9.31 14.38 0.63
CA GLY B 401 8.35 13.94 -0.35
C GLY B 401 7.24 13.08 0.23
N PRO B 402 6.43 12.42 -0.61
CA PRO B 402 5.30 11.56 -0.22
C PRO B 402 5.64 10.37 0.69
N SER B 403 4.68 9.99 1.52
CA SER B 403 4.84 8.85 2.43
C SER B 403 5.04 7.60 1.57
N LEU B 404 5.69 6.58 2.13
CA LEU B 404 5.97 5.35 1.39
C LEU B 404 5.15 4.12 1.76
N ALA B 405 4.86 3.95 3.05
CA ALA B 405 4.10 2.78 3.51
C ALA B 405 3.69 2.93 4.99
N ALA B 406 3.05 1.89 5.52
CA ALA B 406 2.66 1.88 6.92
C ALA B 406 3.84 1.30 7.70
N VAL B 407 4.42 0.25 7.14
CA VAL B 407 5.55 -0.46 7.77
C VAL B 407 6.70 -0.76 6.81
N ILE B 408 7.93 -0.58 7.29
CA ILE B 408 9.12 -0.87 6.52
C ILE B 408 9.96 -1.85 7.34
N ASP B 409 10.34 -2.99 6.75
CA ASP B 409 11.12 -4.01 7.46
C ASP B 409 12.19 -4.60 6.54
N THR B 410 13.43 -4.17 6.70
CA THR B 410 14.49 -4.71 5.86
C THR B 410 15.44 -5.68 6.57
N THR B 411 14.92 -6.42 7.56
CA THR B 411 15.74 -7.42 8.25
C THR B 411 15.92 -8.59 7.25
N PRO B 412 17.08 -9.26 7.28
CA PRO B 412 17.43 -10.39 6.40
C PRO B 412 16.69 -11.69 6.69
N GLU B 413 15.46 -11.76 6.21
CA GLU B 413 14.57 -12.91 6.41
C GLU B 413 15.15 -14.31 6.16
N THR B 414 16.04 -14.44 5.16
CA THR B 414 16.63 -15.74 4.84
C THR B 414 17.96 -16.05 5.53
N SER B 415 18.44 -15.11 6.35
CA SER B 415 19.70 -15.27 7.05
C SER B 415 19.60 -15.86 8.46
N LYS B 416 20.68 -16.51 8.90
CA LYS B 416 20.75 -17.10 10.22
C LYS B 416 20.84 -15.96 11.26
N TYR B 417 21.26 -14.77 10.82
CA TYR B 417 21.39 -13.63 11.72
C TYR B 417 20.16 -12.69 11.75
N ASP B 418 19.03 -13.19 11.27
CA ASP B 418 17.79 -12.40 11.23
C ASP B 418 17.14 -12.23 12.61
N TYR B 419 16.34 -11.18 12.76
CA TYR B 419 15.57 -10.97 13.99
C TYR B 419 14.22 -10.46 13.46
N ASP B 420 13.15 -10.60 14.25
CA ASP B 420 11.84 -10.17 13.77
C ASP B 420 11.12 -9.13 14.63
N VAL B 421 10.30 -8.33 13.95
CA VAL B 421 9.49 -7.30 14.57
C VAL B 421 8.06 -7.58 14.06
N LYS B 422 7.24 -8.17 14.92
CA LYS B 422 5.87 -8.53 14.56
C LYS B 422 4.88 -7.39 14.78
N THR B 423 4.03 -7.16 13.78
CA THR B 423 3.02 -6.09 13.83
C THR B 423 1.60 -6.65 13.78
N PHE B 424 0.67 -5.99 14.47
CA PHE B 424 -0.73 -6.42 14.51
C PHE B 424 -1.68 -5.22 14.30
N ASN B 425 -2.78 -5.45 13.56
CA ASN B 425 -3.78 -4.42 13.29
C ASN B 425 -3.18 -3.14 12.72
N VAL B 426 -2.69 -3.24 11.48
CA VAL B 426 -2.06 -2.14 10.77
C VAL B 426 -3.06 -1.53 9.75
N LYS B 427 -3.23 -0.20 9.78
CA LYS B 427 -4.14 0.49 8.87
C LYS B 427 -3.51 1.70 8.15
N ARG B 428 -4.08 2.08 7.01
CA ARG B 428 -3.61 3.24 6.25
C ARG B 428 -4.79 4.17 5.94
N ILE B 429 -4.53 5.47 5.88
CA ILE B 429 -5.57 6.45 5.57
C ILE B 429 -5.14 7.41 4.44
N ASN B 430 -5.94 7.48 3.39
CA ASN B 430 -5.69 8.38 2.25
C ASN B 430 -4.49 8.10 1.34
N PHE B 431 -4.00 6.87 1.29
CA PHE B 431 -2.87 6.56 0.41
C PHE B 431 -3.40 6.44 -1.02
N PRO B 432 -2.59 6.79 -2.03
CA PRO B 432 -3.03 6.69 -3.43
C PRO B 432 -3.10 5.22 -3.88
N VAL B 433 -3.90 4.96 -4.92
CA VAL B 433 -4.06 3.60 -5.44
C VAL B 433 -2.69 3.04 -5.83
N ASN B 434 -2.51 1.74 -5.57
CA ASN B 434 -1.27 1.02 -5.87
C ASN B 434 -0.01 1.41 -5.09
N SER B 435 -0.19 1.98 -3.90
CA SER B 435 0.95 2.30 -3.05
C SER B 435 1.22 1.04 -2.20
N HIS B 436 2.32 1.03 -1.45
CA HIS B 436 2.68 -0.12 -0.60
C HIS B 436 2.08 -0.06 0.81
N LYS B 437 1.76 -1.22 1.38
CA LYS B 437 1.28 -1.24 2.76
C LYS B 437 2.52 -1.57 3.59
N THR B 438 3.19 -2.67 3.25
CA THR B 438 4.42 -3.06 3.95
C THR B 438 5.53 -3.18 2.91
N ILE B 439 6.71 -2.66 3.23
CA ILE B 439 7.86 -2.78 2.32
C ILE B 439 8.89 -3.71 2.99
N ASP B 440 9.23 -4.82 2.33
CA ASP B 440 10.22 -5.74 2.87
C ASP B 440 11.31 -6.10 1.84
N THR B 441 12.15 -7.08 2.14
CA THR B 441 13.24 -7.46 1.24
C THR B 441 12.78 -8.04 -0.08
N ASN B 442 11.50 -8.40 -0.19
CA ASN B 442 10.96 -8.97 -1.42
C ASN B 442 10.20 -7.95 -2.27
N THR B 443 10.03 -6.74 -1.77
CA THR B 443 9.28 -5.73 -2.53
C THR B 443 10.05 -5.30 -3.79
N GLU B 444 9.37 -5.29 -4.92
CA GLU B 444 9.98 -4.91 -6.19
C GLU B 444 10.01 -3.40 -6.36
N SER B 445 11.00 -2.91 -7.10
CA SER B 445 11.16 -1.48 -7.32
C SER B 445 12.10 -1.17 -8.48
N SER B 446 12.13 0.10 -8.87
CA SER B 446 13.01 0.55 -9.96
C SER B 446 13.07 2.07 -9.96
N ARG B 447 14.25 2.62 -10.25
CA ARG B 447 14.45 4.08 -10.27
C ARG B 447 13.44 4.80 -11.15
N VAL B 448 13.01 5.98 -10.69
CA VAL B 448 12.06 6.81 -11.42
C VAL B 448 12.23 8.29 -11.06
N CYS B 449 12.93 8.56 -9.97
CA CYS B 449 13.15 9.95 -9.51
C CYS B 449 14.46 10.55 -10.01
N ASN B 450 14.54 11.88 -9.96
CA ASN B 450 15.72 12.61 -10.39
C ASN B 450 16.58 12.95 -9.17
N TYR B 451 17.32 11.96 -8.69
CA TYR B 451 18.18 12.08 -7.52
C TYR B 451 18.83 13.44 -7.25
N TYR B 452 19.38 14.07 -8.29
CA TYR B 452 20.04 15.36 -8.09
C TYR B 452 19.54 16.49 -8.99
N GLY B 453 18.65 16.17 -9.92
CA GLY B 453 18.14 17.20 -10.81
C GLY B 453 16.66 17.49 -10.65
N MET B 454 16.21 17.66 -9.41
CA MET B 454 14.80 17.94 -9.13
C MET B 454 14.60 19.35 -8.54
N SER B 455 13.42 19.63 -8.00
CA SER B 455 13.15 20.93 -7.40
C SER B 455 13.81 21.07 -6.02
N GLU B 456 14.15 22.29 -5.65
CA GLU B 456 14.78 22.57 -4.37
C GLU B 456 13.68 22.96 -3.36
N CYS B 457 13.87 22.57 -2.10
CA CYS B 457 12.89 22.85 -1.07
C CYS B 457 12.81 24.31 -0.64
N SER B 458 11.59 24.84 -0.58
CA SER B 458 11.39 26.22 -0.17
C SER B 458 11.78 26.34 1.31
N SER B 459 12.19 27.54 1.71
CA SER B 459 12.57 27.78 3.09
C SER B 459 11.40 27.44 4.00
N SER B 460 10.19 27.69 3.51
CA SER B 460 8.97 27.42 4.26
C SER B 460 8.74 25.93 4.46
N ARG B 461 9.14 25.14 3.46
CA ARG B 461 8.96 23.70 3.53
C ARG B 461 10.00 23.04 4.42
N TRP B 462 11.25 23.46 4.26
CA TRP B 462 12.35 22.92 5.06
C TRP B 462 12.21 23.32 6.53
N GLU B 463 11.91 24.60 6.77
CA GLU B 463 11.75 25.11 8.13
C GLU B 463 10.42 24.68 8.76
N ARG B 464 9.52 24.15 7.93
CA ARG B 464 8.22 23.70 8.41
C ARG B 464 7.41 24.89 8.92
#